data_1THB
#
_entry.id   1THB
#
_cell.length_a   95.800
_cell.length_b   97.800
_cell.length_c   65.500
_cell.angle_alpha   90.00
_cell.angle_beta   90.00
_cell.angle_gamma   90.00
#
_symmetry.space_group_name_H-M   'P 21 21 2'
#
loop_
_entity.id
_entity.type
_entity.pdbx_description
1 polymer 'HEMOGLOBIN A (OXY) (ALPHA CHAIN)'
2 polymer 'HEMOGLOBIN A (DEOXY) (BETA CHAIN)'
3 non-polymer 'PROTOPORPHYRIN IX CONTAINING FE'
4 non-polymer 'OXYGEN MOLECULE'
5 non-polymer 'INOSITOL HEXAKISPHOSPHATE'
6 water water
#
loop_
_entity_poly.entity_id
_entity_poly.type
_entity_poly.pdbx_seq_one_letter_code
_entity_poly.pdbx_strand_id
1 'polypeptide(L)'
;VLSPADKTNVKAAWGKVGAHAGEYGAEALERMFLSFPTTKTYFPHFDLSHGSAQVKGHGKKVADALTNAVAHVDDMPNAL
SALSDLHAHKLRVDPVNFKLLSHCLLVTLAAHLPAEFTPAVHASLDKFLASVSTVLTSKYR
;
A,C
2 'polypeptide(L)'
;VHLTPEEKSAVTALWGKVNVDEVGGEALGRLLVVYPWTQRFFESFGDLSTPDAVMGNPKVKAHGKKVLGAFSDGLAHLDN
LKGTFATLSELHCDKLHVDPENFRLLGNVLVCVLAHHFGKEFTPPVQAAYQKVVAGVANALAHKYH
;
B,D
#
loop_
_chem_comp.id
_chem_comp.type
_chem_comp.name
_chem_comp.formula
HEM non-polymer 'PROTOPORPHYRIN IX CONTAINING FE' 'C34 H32 Fe N4 O4'
IHP non-polymer 'INOSITOL HEXAKISPHOSPHATE' 'C6 H18 O24 P6'
OXY non-polymer 'OXYGEN MOLECULE' O2
#
# COMPACT_ATOMS: atom_id res chain seq x y z
N VAL A 1 -0.06 10.28 15.65
CA VAL A 1 0.53 10.48 17.02
C VAL A 1 -0.15 9.65 18.14
N LEU A 2 0.60 9.09 19.11
CA LEU A 2 0.08 8.29 20.23
C LEU A 2 -0.43 9.21 21.38
N SER A 3 -1.72 8.99 21.65
CA SER A 3 -2.32 9.81 22.73
C SER A 3 -1.91 9.11 24.00
N PRO A 4 -2.19 9.79 25.17
CA PRO A 4 -1.97 9.27 26.50
C PRO A 4 -2.66 7.94 26.64
N ALA A 5 -3.92 7.96 26.09
CA ALA A 5 -4.69 6.66 26.22
C ALA A 5 -4.06 5.52 25.42
N ASP A 6 -3.59 6.01 24.22
CA ASP A 6 -2.93 5.01 23.38
C ASP A 6 -1.77 4.43 24.15
N LYS A 7 -1.00 5.40 24.71
CA LYS A 7 0.21 4.89 25.45
C LYS A 7 -0.04 3.93 26.63
N THR A 8 -1.14 4.27 27.33
CA THR A 8 -1.63 3.45 28.46
C THR A 8 -2.01 2.05 27.97
N ASN A 9 -2.78 2.12 26.82
CA ASN A 9 -3.27 0.87 26.20
C ASN A 9 -2.18 -0.12 25.78
N VAL A 10 -1.17 0.56 25.13
CA VAL A 10 0.01 -0.20 24.69
C VAL A 10 0.83 -0.72 25.89
N LYS A 11 1.10 0.12 26.89
CA LYS A 11 1.93 -0.40 28.06
C LYS A 11 1.23 -1.57 28.70
N ALA A 12 -0.10 -1.48 28.83
CA ALA A 12 -0.99 -2.53 29.37
C ALA A 12 -1.06 -3.88 28.67
N ALA A 13 -1.27 -3.79 27.35
CA ALA A 13 -1.33 -5.01 26.49
C ALA A 13 0.09 -5.60 26.48
N TRP A 14 1.12 -4.75 26.27
CA TRP A 14 2.54 -5.22 26.18
C TRP A 14 2.94 -5.82 27.54
N GLY A 15 2.43 -5.28 28.63
CA GLY A 15 2.67 -5.73 30.00
C GLY A 15 2.23 -7.17 30.19
N LYS A 16 1.02 -7.40 29.70
CA LYS A 16 0.44 -8.77 29.72
C LYS A 16 1.19 -9.76 28.86
N VAL A 17 1.71 -9.29 27.72
CA VAL A 17 2.50 -10.09 26.75
C VAL A 17 3.61 -10.74 27.59
N GLY A 18 4.18 -9.80 28.36
CA GLY A 18 5.26 -10.07 29.35
C GLY A 18 6.37 -10.91 28.73
N ALA A 19 6.54 -12.04 29.36
CA ALA A 19 7.47 -13.16 29.16
C ALA A 19 7.32 -13.95 27.85
N HIS A 20 6.17 -13.63 27.24
CA HIS A 20 5.83 -14.34 26.00
C HIS A 20 6.23 -13.58 24.75
N ALA A 21 6.61 -12.35 25.04
CA ALA A 21 6.98 -11.49 23.88
C ALA A 21 7.71 -12.28 22.78
N GLY A 22 8.80 -12.96 23.09
CA GLY A 22 9.64 -13.66 22.06
C GLY A 22 8.86 -14.70 21.26
N GLU A 23 8.11 -15.47 22.08
CA GLU A 23 7.29 -16.55 21.46
C GLU A 23 6.21 -15.86 20.58
N TYR A 24 5.63 -14.76 20.99
CA TYR A 24 4.66 -14.07 20.11
C TYR A 24 5.41 -13.52 18.86
N GLY A 25 6.62 -13.01 19.04
CA GLY A 25 7.41 -12.49 17.94
C GLY A 25 7.64 -13.56 16.89
N ALA A 26 8.10 -14.71 17.35
CA ALA A 26 8.38 -15.88 16.48
C ALA A 26 7.06 -16.30 15.82
N GLU A 27 5.94 -16.34 16.47
CA GLU A 27 4.65 -16.69 15.83
C GLU A 27 4.20 -15.60 14.86
N ALA A 28 4.47 -14.35 15.17
CA ALA A 28 4.04 -13.24 14.26
C ALA A 28 4.77 -13.43 12.92
N LEU A 29 6.06 -13.85 13.02
CA LEU A 29 6.96 -14.07 11.82
C LEU A 29 6.42 -15.27 11.01
N GLU A 30 6.16 -16.38 11.65
CA GLU A 30 5.59 -17.57 10.93
C GLU A 30 4.30 -17.23 10.26
N ARG A 31 3.43 -16.46 10.99
CA ARG A 31 2.14 -16.05 10.43
C ARG A 31 2.45 -15.30 9.09
N MET A 32 3.40 -14.36 9.22
CA MET A 32 3.80 -13.49 8.10
C MET A 32 4.33 -14.26 6.84
N PHE A 33 5.26 -15.20 7.12
CA PHE A 33 5.86 -16.04 6.10
C PHE A 33 4.79 -16.81 5.37
N LEU A 34 3.84 -17.31 6.19
CA LEU A 34 2.72 -18.14 5.63
C LEU A 34 1.65 -17.35 4.90
N SER A 35 1.25 -16.23 5.52
CA SER A 35 0.21 -15.47 4.88
C SER A 35 0.78 -14.61 3.76
N PHE A 36 2.03 -14.11 3.88
CA PHE A 36 2.56 -13.16 2.86
C PHE A 36 3.89 -13.68 2.45
N PRO A 37 3.83 -14.68 1.60
CA PRO A 37 5.05 -15.40 1.24
C PRO A 37 6.19 -14.63 0.60
N THR A 38 5.77 -13.46 0.05
CA THR A 38 6.80 -12.55 -0.58
C THR A 38 7.76 -11.99 0.48
N THR A 39 7.30 -12.03 1.75
CA THR A 39 8.20 -11.50 2.85
C THR A 39 9.38 -12.42 3.03
N LYS A 40 9.28 -13.67 2.57
CA LYS A 40 10.36 -14.66 2.69
C LYS A 40 11.58 -14.29 1.84
N THR A 41 11.36 -13.43 0.84
CA THR A 41 12.50 -13.01 -0.04
C THR A 41 13.60 -12.31 0.77
N TYR A 42 13.26 -11.82 1.97
CA TYR A 42 14.22 -11.13 2.85
C TYR A 42 14.98 -12.11 3.75
N PHE A 43 14.58 -13.37 3.79
CA PHE A 43 15.20 -14.32 4.74
C PHE A 43 15.56 -15.57 3.95
N PRO A 44 16.27 -15.30 2.84
CA PRO A 44 16.66 -16.47 1.97
C PRO A 44 17.62 -17.37 2.73
N HIS A 45 18.31 -16.71 3.69
CA HIS A 45 19.32 -17.42 4.49
C HIS A 45 18.79 -18.10 5.74
N PHE A 46 17.52 -18.03 6.03
CA PHE A 46 16.93 -18.63 7.21
C PHE A 46 16.37 -20.01 6.86
N ASP A 47 16.32 -20.82 7.87
CA ASP A 47 15.62 -22.08 7.95
C ASP A 47 14.19 -21.47 8.31
N LEU A 48 13.26 -21.67 7.34
CA LEU A 48 11.93 -21.08 7.59
C LEU A 48 10.88 -22.16 7.87
N SER A 49 11.45 -23.31 8.23
CA SER A 49 10.63 -24.50 8.63
C SER A 49 10.00 -24.22 10.01
N HIS A 50 8.88 -24.89 10.27
CA HIS A 50 8.15 -24.75 11.56
C HIS A 50 9.11 -25.18 12.70
N GLY A 51 9.16 -24.19 13.63
CA GLY A 51 9.97 -24.38 14.83
C GLY A 51 11.42 -24.05 14.52
N SER A 52 11.70 -23.45 13.37
CA SER A 52 13.07 -23.10 13.02
C SER A 52 13.60 -22.20 14.14
N ALA A 53 14.81 -22.59 14.55
CA ALA A 53 15.45 -21.79 15.63
C ALA A 53 15.87 -20.42 15.09
N GLN A 54 16.13 -20.37 13.80
CA GLN A 54 16.50 -19.04 13.29
C GLN A 54 15.31 -18.11 13.55
N VAL A 55 14.13 -18.67 13.26
CA VAL A 55 12.85 -17.95 13.46
C VAL A 55 12.57 -17.57 14.96
N LYS A 56 12.68 -18.62 15.79
CA LYS A 56 12.54 -18.37 17.25
C LYS A 56 13.54 -17.30 17.68
N GLY A 57 14.80 -17.44 17.23
CA GLY A 57 15.83 -16.46 17.56
C GLY A 57 15.46 -15.09 17.04
N HIS A 58 15.00 -15.05 15.78
CA HIS A 58 14.61 -13.68 15.20
C HIS A 58 13.37 -13.03 15.92
N GLY A 59 12.37 -13.86 16.26
CA GLY A 59 11.19 -13.42 16.98
C GLY A 59 11.51 -12.73 18.30
N LYS A 60 12.45 -13.36 19.07
CA LYS A 60 12.84 -12.67 20.29
C LYS A 60 13.44 -11.29 19.97
N LYS A 61 14.35 -11.26 18.92
CA LYS A 61 14.98 -10.00 18.59
C LYS A 61 13.93 -8.97 18.26
N VAL A 62 12.95 -9.39 17.44
CA VAL A 62 11.91 -8.40 17.12
C VAL A 62 11.10 -8.02 18.40
N ALA A 63 10.79 -9.03 19.17
CA ALA A 63 9.96 -8.80 20.37
C ALA A 63 10.74 -7.83 21.31
N ASP A 64 12.06 -8.06 21.41
CA ASP A 64 12.90 -7.17 22.32
C ASP A 64 12.88 -5.73 21.92
N ALA A 65 12.96 -5.59 20.57
CA ALA A 65 12.92 -4.23 19.98
C ALA A 65 11.57 -3.59 20.30
N LEU A 66 10.45 -4.31 20.12
CA LEU A 66 9.19 -3.68 20.43
C LEU A 66 9.08 -3.37 21.95
N THR A 67 9.56 -4.32 22.73
CA THR A 67 9.54 -4.04 24.21
C THR A 67 10.30 -2.75 24.54
N ASN A 68 11.43 -2.65 23.85
CA ASN A 68 12.21 -1.42 23.99
C ASN A 68 11.44 -0.22 23.48
N ALA A 69 10.59 -0.24 22.41
CA ALA A 69 9.94 0.97 21.92
C ALA A 69 8.85 1.30 22.99
N VAL A 70 8.25 0.22 23.50
CA VAL A 70 7.14 0.41 24.52
C VAL A 70 7.82 1.16 25.75
N ALA A 71 8.98 0.70 26.18
CA ALA A 71 9.79 1.22 27.28
C ALA A 71 10.07 2.69 27.01
N HIS A 72 10.21 3.15 25.80
CA HIS A 72 10.58 4.48 25.44
C HIS A 72 9.54 5.09 24.53
N VAL A 73 8.33 4.82 24.99
CA VAL A 73 7.22 5.22 24.12
C VAL A 73 7.21 6.67 23.79
N ASP A 74 7.89 7.46 24.68
CA ASP A 74 7.94 8.89 24.50
C ASP A 74 9.21 9.33 23.75
N ASP A 75 9.98 8.36 23.32
CA ASP A 75 11.26 8.81 22.58
C ASP A 75 11.56 7.74 21.54
N MET A 76 10.55 7.24 20.84
CA MET A 76 10.89 6.09 19.97
C MET A 76 11.89 6.34 18.82
N PRO A 77 11.83 7.54 18.25
CA PRO A 77 12.78 7.87 17.14
C PRO A 77 14.18 7.60 17.60
N ASN A 78 14.34 8.10 18.85
CA ASN A 78 15.70 7.84 19.37
C ASN A 78 15.88 6.44 19.85
N ALA A 79 14.96 5.84 20.61
CA ALA A 79 15.07 4.46 21.12
C ALA A 79 15.43 3.49 19.94
N LEU A 80 14.77 3.78 18.77
CA LEU A 80 14.98 2.83 17.62
C LEU A 80 15.95 3.35 16.56
N SER A 81 16.67 4.46 16.73
CA SER A 81 17.50 5.00 15.60
C SER A 81 18.47 3.95 15.05
N ALA A 82 19.04 3.09 15.93
CA ALA A 82 19.99 2.13 15.40
C ALA A 82 19.30 1.16 14.45
N LEU A 83 18.12 0.72 14.85
CA LEU A 83 17.35 -0.21 13.99
C LEU A 83 16.86 0.60 12.80
N SER A 84 16.54 1.87 12.79
CA SER A 84 16.14 2.56 11.58
C SER A 84 17.35 2.56 10.56
N ASP A 85 18.54 2.82 11.16
CA ASP A 85 19.77 2.87 10.34
C ASP A 85 19.90 1.50 9.66
N LEU A 86 19.80 0.44 10.46
CA LEU A 86 19.98 -0.91 9.96
C LEU A 86 19.10 -1.20 8.74
N HIS A 87 17.78 -0.96 9.03
CA HIS A 87 16.77 -1.26 7.98
C HIS A 87 16.97 -0.31 6.81
N ALA A 88 17.26 0.99 7.01
CA ALA A 88 17.40 1.96 5.92
C ALA A 88 18.52 1.55 4.95
N HIS A 89 19.66 1.24 5.54
CA HIS A 89 20.94 1.04 4.89
C HIS A 89 21.46 -0.32 4.66
N LYS A 90 21.13 -1.29 5.42
CA LYS A 90 21.65 -2.63 5.15
C LYS A 90 20.54 -3.52 4.64
N LEU A 91 19.53 -3.69 5.46
CA LEU A 91 18.43 -4.64 5.11
C LEU A 91 17.70 -4.12 3.86
N ARG A 92 17.32 -2.84 3.84
CA ARG A 92 16.59 -2.27 2.71
C ARG A 92 15.30 -3.04 2.39
N VAL A 93 14.56 -3.40 3.47
CA VAL A 93 13.23 -4.05 3.39
C VAL A 93 12.27 -3.04 2.79
N ASP A 94 11.56 -3.44 1.71
CA ASP A 94 10.61 -2.47 1.16
C ASP A 94 9.54 -2.15 2.28
N PRO A 95 9.24 -0.87 2.36
CA PRO A 95 8.27 -0.43 3.34
C PRO A 95 6.98 -1.17 3.38
N VAL A 96 6.39 -1.68 2.31
CA VAL A 96 5.10 -2.29 2.42
C VAL A 96 5.22 -3.44 3.39
N ASN A 97 6.38 -4.03 3.54
CA ASN A 97 6.45 -5.24 4.37
C ASN A 97 6.15 -5.01 5.87
N PHE A 98 6.40 -3.76 6.25
CA PHE A 98 6.22 -3.42 7.71
C PHE A 98 4.73 -3.61 8.07
N LYS A 99 3.83 -3.23 7.22
CA LYS A 99 2.36 -3.34 7.38
C LYS A 99 2.01 -4.84 7.55
N LEU A 100 2.71 -5.69 6.81
CA LEU A 100 2.40 -7.13 6.84
C LEU A 100 2.85 -7.69 8.20
N LEU A 101 4.02 -7.24 8.66
CA LEU A 101 4.37 -7.85 9.96
C LEU A 101 3.48 -7.26 11.10
N SER A 102 3.24 -5.95 11.01
CA SER A 102 2.38 -5.28 12.01
C SER A 102 1.09 -6.09 12.18
N HIS A 103 0.49 -6.34 11.01
CA HIS A 103 -0.80 -7.06 10.96
C HIS A 103 -0.63 -8.44 11.61
N CYS A 104 0.37 -9.23 11.33
CA CYS A 104 0.55 -10.57 11.89
C CYS A 104 0.86 -10.48 13.40
N LEU A 105 1.51 -9.33 13.82
CA LEU A 105 1.71 -9.16 15.28
C LEU A 105 0.35 -8.91 16.01
N LEU A 106 -0.49 -8.07 15.34
CA LEU A 106 -1.83 -7.75 15.86
C LEU A 106 -2.62 -9.03 15.95
N VAL A 107 -2.54 -9.92 14.98
CA VAL A 107 -3.24 -11.17 14.96
C VAL A 107 -2.74 -12.05 16.10
N THR A 108 -1.42 -12.05 16.24
CA THR A 108 -0.81 -12.86 17.29
C THR A 108 -1.31 -12.47 18.68
N LEU A 109 -1.32 -11.16 18.88
CA LEU A 109 -1.72 -10.64 20.23
C LEU A 109 -3.23 -10.97 20.44
N ALA A 110 -4.05 -10.73 19.42
CA ALA A 110 -5.49 -11.00 19.41
C ALA A 110 -5.66 -12.49 19.83
N ALA A 111 -4.86 -13.39 19.25
CA ALA A 111 -4.94 -14.83 19.45
C ALA A 111 -4.54 -15.15 20.89
N HIS A 112 -3.72 -14.35 21.57
CA HIS A 112 -3.20 -14.63 22.91
C HIS A 112 -3.75 -13.75 24.04
N LEU A 113 -4.31 -12.58 23.91
CA LEU A 113 -4.82 -11.60 24.85
C LEU A 113 -6.27 -11.21 24.58
N PRO A 114 -7.06 -12.24 24.57
CA PRO A 114 -8.50 -12.05 24.23
C PRO A 114 -9.11 -11.06 25.20
N ALA A 115 -8.85 -11.19 26.50
CA ALA A 115 -9.44 -10.22 27.44
C ALA A 115 -8.88 -8.82 27.27
N GLU A 116 -7.60 -8.69 26.90
CA GLU A 116 -7.01 -7.36 26.69
C GLU A 116 -7.26 -6.75 25.28
N PHE A 117 -7.54 -7.72 24.40
CA PHE A 117 -7.60 -7.18 23.01
C PHE A 117 -8.92 -6.57 22.69
N THR A 118 -9.18 -5.51 23.41
CA THR A 118 -10.46 -4.82 23.17
C THR A 118 -10.37 -3.91 21.95
N PRO A 119 -11.48 -3.39 21.51
CA PRO A 119 -11.45 -2.45 20.34
C PRO A 119 -10.49 -1.30 20.54
N ALA A 120 -10.63 -0.66 21.71
CA ALA A 120 -9.74 0.51 22.00
C ALA A 120 -8.25 0.07 22.06
N VAL A 121 -7.93 -1.09 22.62
CA VAL A 121 -6.57 -1.56 22.76
C VAL A 121 -6.08 -1.89 21.32
N HIS A 122 -6.91 -2.57 20.55
CA HIS A 122 -6.61 -2.93 19.14
C HIS A 122 -6.30 -1.63 18.38
N ALA A 123 -7.10 -0.56 18.54
CA ALA A 123 -6.89 0.74 17.91
C ALA A 123 -5.50 1.28 18.27
N SER A 124 -5.19 1.27 19.60
CA SER A 124 -3.91 1.78 20.14
C SER A 124 -2.76 0.98 19.58
N LEU A 125 -2.82 -0.33 19.62
CA LEU A 125 -1.80 -1.23 19.14
C LEU A 125 -1.45 -1.01 17.62
N ASP A 126 -2.53 -0.86 16.89
CA ASP A 126 -2.28 -0.66 15.41
C ASP A 126 -1.54 0.62 15.21
N LYS A 127 -1.98 1.70 15.95
CA LYS A 127 -1.35 3.02 15.81
C LYS A 127 0.11 2.88 16.26
N PHE A 128 0.39 2.17 17.31
CA PHE A 128 1.75 1.95 17.85
C PHE A 128 2.63 1.27 16.79
N LEU A 129 2.10 0.19 16.22
CA LEU A 129 2.95 -0.56 15.23
C LEU A 129 3.18 0.30 13.99
N ALA A 130 2.11 1.05 13.67
CA ALA A 130 2.29 1.95 12.49
C ALA A 130 3.39 2.94 12.87
N SER A 131 3.48 3.46 14.11
CA SER A 131 4.47 4.43 14.56
C SER A 131 5.85 3.79 14.52
N VAL A 132 6.01 2.58 15.03
CA VAL A 132 7.25 1.85 15.00
C VAL A 132 7.70 1.66 13.53
N SER A 133 6.81 1.24 12.67
CA SER A 133 7.11 1.07 11.25
C SER A 133 7.56 2.35 10.61
N THR A 134 6.94 3.44 10.90
CA THR A 134 7.25 4.76 10.39
C THR A 134 8.70 5.09 10.85
N VAL A 135 9.00 4.86 12.13
CA VAL A 135 10.33 5.11 12.72
C VAL A 135 11.35 4.27 11.90
N LEU A 136 11.12 3.01 11.63
CA LEU A 136 12.06 2.10 10.98
C LEU A 136 12.32 2.44 9.49
N THR A 137 11.34 3.14 8.94
CA THR A 137 11.55 3.43 7.50
C THR A 137 11.85 4.86 7.18
N SER A 138 12.01 5.61 8.31
CA SER A 138 12.18 7.05 8.25
C SER A 138 13.52 7.47 7.53
N LYS A 139 14.51 6.60 7.54
CA LYS A 139 15.83 7.00 6.95
C LYS A 139 16.10 6.36 5.58
N TYR A 140 15.00 5.83 5.00
CA TYR A 140 15.13 5.09 3.73
C TYR A 140 15.65 5.94 2.56
N ARG A 141 15.25 7.19 2.57
CA ARG A 141 15.71 8.09 1.51
C ARG A 141 15.63 9.55 1.94
N VAL B 1 -11.08 -17.43 -6.22
CA VAL B 1 -10.11 -17.68 -5.12
C VAL B 1 -9.70 -19.19 -5.29
N HIS B 2 -8.34 -19.05 -5.57
CA HIS B 2 -7.65 -20.33 -5.74
C HIS B 2 -6.98 -20.63 -4.38
N LEU B 3 -7.77 -21.52 -3.75
CA LEU B 3 -7.40 -22.12 -2.48
C LEU B 3 -7.29 -23.64 -2.75
N THR B 4 -6.27 -24.11 -2.10
CA THR B 4 -6.04 -25.56 -1.97
C THR B 4 -7.34 -26.03 -1.37
N PRO B 5 -7.63 -27.29 -1.52
CA PRO B 5 -8.91 -27.85 -0.99
C PRO B 5 -8.73 -27.93 0.51
N GLU B 6 -7.41 -28.05 0.75
CA GLU B 6 -6.96 -28.17 2.14
C GLU B 6 -7.18 -26.82 2.82
N GLU B 7 -7.05 -25.77 2.02
CA GLU B 7 -7.30 -24.41 2.48
C GLU B 7 -8.77 -24.13 2.61
N LYS B 8 -9.59 -24.70 1.70
CA LYS B 8 -11.01 -24.39 1.95
C LYS B 8 -11.67 -25.24 3.04
N SER B 9 -11.11 -26.40 3.39
CA SER B 9 -11.86 -27.14 4.43
C SER B 9 -11.65 -26.39 5.75
N ALA B 10 -10.40 -25.97 5.84
CA ALA B 10 -9.89 -25.22 6.97
C ALA B 10 -10.81 -24.00 7.19
N VAL B 11 -10.98 -23.33 6.07
CA VAL B 11 -11.79 -22.08 6.09
C VAL B 11 -13.20 -22.42 6.60
N THR B 12 -13.77 -23.31 5.84
CA THR B 12 -15.12 -23.87 6.02
C THR B 12 -15.26 -24.47 7.38
N ALA B 13 -14.31 -25.25 7.85
CA ALA B 13 -14.35 -25.86 9.18
C ALA B 13 -14.55 -24.86 10.30
N LEU B 14 -13.73 -23.80 10.30
CA LEU B 14 -13.78 -22.73 11.32
C LEU B 14 -15.09 -21.90 11.25
N TRP B 15 -15.34 -21.62 9.97
CA TRP B 15 -16.43 -20.74 9.72
C TRP B 15 -17.71 -21.28 10.36
N GLY B 16 -17.59 -22.63 10.43
CA GLY B 16 -18.65 -23.50 10.91
C GLY B 16 -18.96 -23.11 12.33
N LYS B 17 -17.91 -22.65 12.98
CA LYS B 17 -18.09 -22.24 14.38
C LYS B 17 -18.44 -20.80 14.61
N VAL B 18 -18.45 -19.94 13.56
CA VAL B 18 -18.68 -18.53 13.87
C VAL B 18 -20.18 -18.23 14.00
N ASN B 19 -20.36 -17.36 15.00
CA ASN B 19 -21.58 -16.66 15.32
C ASN B 19 -21.52 -15.34 14.45
N VAL B 20 -22.04 -15.35 13.23
CA VAL B 20 -22.00 -14.31 12.24
C VAL B 20 -22.50 -12.97 12.72
N ASP B 21 -23.63 -13.13 13.41
CA ASP B 21 -24.33 -11.94 13.97
C ASP B 21 -23.36 -11.12 14.80
N GLU B 22 -22.91 -11.87 15.77
CA GLU B 22 -21.98 -11.30 16.73
C GLU B 22 -20.62 -11.00 16.05
N VAL B 23 -20.03 -11.88 15.29
CA VAL B 23 -18.74 -11.53 14.69
C VAL B 23 -18.96 -10.36 13.70
N GLY B 24 -20.03 -10.31 12.99
CA GLY B 24 -20.25 -9.19 12.06
C GLY B 24 -20.30 -7.87 12.80
N GLY B 25 -20.97 -7.74 13.94
CA GLY B 25 -21.03 -6.46 14.67
C GLY B 25 -19.63 -6.12 15.23
N GLU B 26 -18.89 -7.13 15.63
CA GLU B 26 -17.54 -6.96 16.17
C GLU B 26 -16.57 -6.49 15.07
N ALA B 27 -16.61 -7.13 13.90
CA ALA B 27 -15.65 -6.69 12.82
C ALA B 27 -15.97 -5.30 12.29
N LEU B 28 -17.28 -5.05 12.08
CA LEU B 28 -17.65 -3.72 11.62
C LEU B 28 -17.39 -2.67 12.71
N GLY B 29 -17.78 -2.99 13.96
CA GLY B 29 -17.49 -1.91 14.97
C GLY B 29 -15.95 -1.70 15.08
N ARG B 30 -15.13 -2.73 15.08
CA ARG B 30 -13.67 -2.56 15.18
C ARG B 30 -13.20 -1.76 13.97
N LEU B 31 -13.74 -2.03 12.77
CA LEU B 31 -13.28 -1.24 11.63
C LEU B 31 -13.40 0.25 11.90
N LEU B 32 -14.56 0.62 12.41
CA LEU B 32 -14.87 2.03 12.64
C LEU B 32 -14.08 2.69 13.80
N VAL B 33 -13.70 1.83 14.72
CA VAL B 33 -12.91 2.28 15.88
C VAL B 33 -11.46 2.36 15.42
N VAL B 34 -10.92 1.34 14.81
CA VAL B 34 -9.43 1.33 14.42
C VAL B 34 -9.15 2.23 13.21
N TYR B 35 -9.99 2.37 12.25
CA TYR B 35 -9.81 3.18 11.04
C TYR B 35 -10.93 4.11 11.07
N PRO B 36 -10.91 5.13 11.90
CA PRO B 36 -12.08 5.97 12.07
C PRO B 36 -12.53 6.70 10.82
N TRP B 37 -11.64 6.82 9.76
CA TRP B 37 -12.10 7.56 8.51
C TRP B 37 -13.23 6.70 7.81
N THR B 38 -13.27 5.39 8.13
CA THR B 38 -14.33 4.54 7.56
C THR B 38 -15.69 4.93 8.11
N GLN B 39 -15.73 5.80 9.16
CA GLN B 39 -17.07 6.28 9.69
C GLN B 39 -17.79 7.18 8.73
N ARG B 40 -16.99 7.60 7.70
CA ARG B 40 -17.52 8.52 6.72
C ARG B 40 -18.83 7.99 6.06
N PHE B 41 -18.94 6.65 5.99
CA PHE B 41 -20.13 6.09 5.33
C PHE B 41 -21.33 5.94 6.29
N PHE B 42 -21.14 6.20 7.55
CA PHE B 42 -22.23 5.86 8.52
C PHE B 42 -22.67 7.02 9.42
N GLU B 43 -22.78 8.16 8.83
CA GLU B 43 -23.23 9.35 9.60
C GLU B 43 -24.62 9.28 10.23
N SER B 44 -25.45 8.60 9.45
CA SER B 44 -26.85 8.28 9.73
C SER B 44 -26.98 7.21 10.84
N PHE B 45 -25.86 6.58 11.29
CA PHE B 45 -25.87 5.52 12.28
C PHE B 45 -25.87 6.13 13.71
N GLY B 46 -25.73 7.42 13.85
CA GLY B 46 -25.63 8.17 15.09
C GLY B 46 -24.17 8.40 15.56
N ASP B 47 -24.16 8.10 16.87
CA ASP B 47 -23.00 8.20 17.76
C ASP B 47 -22.05 7.00 17.65
N LEU B 48 -20.88 7.48 17.13
CA LEU B 48 -19.69 6.62 16.88
C LEU B 48 -18.53 7.32 17.52
N SER B 49 -18.82 8.19 18.47
CA SER B 49 -17.87 9.04 19.17
C SER B 49 -16.88 8.21 19.99
N THR B 50 -17.24 7.09 20.56
CA THR B 50 -16.22 6.42 21.37
C THR B 50 -16.30 4.94 21.03
N PRO B 51 -15.37 4.12 21.52
CA PRO B 51 -15.43 2.71 21.23
C PRO B 51 -16.74 2.14 21.68
N ASP B 52 -17.26 2.46 22.88
CA ASP B 52 -18.57 1.87 23.32
C ASP B 52 -19.75 2.42 22.48
N ALA B 53 -19.71 3.69 22.06
CA ALA B 53 -20.76 4.28 21.25
C ALA B 53 -20.79 3.48 19.93
N VAL B 54 -19.61 3.18 19.39
CA VAL B 54 -19.59 2.40 18.14
C VAL B 54 -20.01 0.95 18.34
N MET B 55 -19.27 0.26 19.26
CA MET B 55 -19.46 -1.17 19.42
C MET B 55 -20.89 -1.55 19.87
N GLY B 56 -21.51 -0.69 20.70
CA GLY B 56 -22.83 -1.09 21.19
C GLY B 56 -23.91 -0.46 20.39
N ASN B 57 -23.55 0.42 19.44
CA ASN B 57 -24.49 1.07 18.54
C ASN B 57 -25.29 -0.02 17.80
N PRO B 58 -26.62 -0.14 18.03
CA PRO B 58 -27.45 -1.16 17.40
C PRO B 58 -27.46 -1.13 15.81
N LYS B 59 -27.25 0.07 15.24
CA LYS B 59 -27.19 0.11 13.77
C LYS B 59 -25.83 -0.47 13.33
N VAL B 60 -24.77 -0.25 14.06
CA VAL B 60 -23.46 -0.87 13.68
C VAL B 60 -23.57 -2.35 13.74
N LYS B 61 -24.24 -2.86 14.80
CA LYS B 61 -24.41 -4.32 15.00
C LYS B 61 -25.28 -4.97 13.88
N ALA B 62 -26.39 -4.27 13.58
CA ALA B 62 -27.39 -4.65 12.57
C ALA B 62 -26.64 -4.67 11.21
N HIS B 63 -25.91 -3.58 10.88
CA HIS B 63 -25.12 -3.55 9.58
C HIS B 63 -24.04 -4.64 9.53
N GLY B 64 -23.23 -4.84 10.63
CA GLY B 64 -22.22 -5.86 10.80
C GLY B 64 -22.76 -7.22 10.44
N LYS B 65 -23.99 -7.53 10.91
CA LYS B 65 -24.69 -8.81 10.69
C LYS B 65 -25.03 -8.97 9.15
N LYS B 66 -25.43 -7.88 8.47
CA LYS B 66 -25.75 -8.03 7.04
C LYS B 66 -24.45 -8.12 6.24
N VAL B 67 -23.52 -7.31 6.64
CA VAL B 67 -22.23 -7.47 5.90
C VAL B 67 -21.66 -8.88 5.99
N LEU B 68 -21.59 -9.48 7.19
CA LEU B 68 -21.02 -10.80 7.40
C LEU B 68 -21.92 -11.92 6.84
N GLY B 69 -23.20 -11.47 6.84
CA GLY B 69 -24.12 -12.57 6.28
C GLY B 69 -23.81 -12.72 4.79
N ALA B 70 -23.63 -11.57 4.12
CA ALA B 70 -23.29 -11.53 2.69
C ALA B 70 -21.93 -12.23 2.55
N PHE B 71 -20.99 -12.05 3.46
CA PHE B 71 -19.64 -12.63 3.38
C PHE B 71 -19.72 -14.16 3.48
N SER B 72 -20.55 -14.46 4.47
CA SER B 72 -20.89 -15.83 4.81
C SER B 72 -21.38 -16.56 3.61
N ASP B 73 -22.14 -15.92 2.74
CA ASP B 73 -22.68 -16.62 1.52
C ASP B 73 -21.62 -16.73 0.47
N GLY B 74 -20.69 -15.80 0.43
CA GLY B 74 -19.57 -15.87 -0.51
C GLY B 74 -18.76 -17.13 -0.22
N LEU B 75 -18.67 -17.54 1.05
CA LEU B 75 -17.87 -18.67 1.54
C LEU B 75 -18.43 -19.95 0.93
N ALA B 76 -19.71 -19.90 0.58
CA ALA B 76 -20.31 -21.10 -0.07
C ALA B 76 -19.92 -21.13 -1.54
N HIS B 77 -19.44 -20.01 -2.11
CA HIS B 77 -19.08 -19.89 -3.56
C HIS B 77 -17.70 -19.36 -3.92
N LEU B 78 -16.77 -20.06 -3.25
CA LEU B 78 -15.34 -19.71 -3.29
C LEU B 78 -14.71 -19.63 -4.67
N ASP B 79 -15.27 -20.45 -5.50
CA ASP B 79 -15.11 -20.85 -6.87
C ASP B 79 -15.57 -19.65 -7.73
N ASN B 80 -16.61 -18.95 -7.18
CA ASN B 80 -17.12 -17.84 -8.01
C ASN B 80 -17.43 -16.55 -7.24
N LEU B 81 -16.34 -16.06 -6.65
CA LEU B 81 -16.55 -14.89 -5.80
C LEU B 81 -17.11 -13.77 -6.61
N LYS B 82 -16.56 -13.86 -7.82
CA LYS B 82 -16.81 -12.59 -8.52
C LYS B 82 -18.26 -12.52 -8.97
N GLY B 83 -18.77 -13.66 -9.32
CA GLY B 83 -20.21 -13.56 -9.70
C GLY B 83 -21.13 -13.35 -8.46
N THR B 84 -20.58 -14.09 -7.44
CA THR B 84 -21.38 -14.08 -6.17
C THR B 84 -21.56 -12.61 -5.77
N PHE B 85 -20.42 -11.85 -5.87
CA PHE B 85 -20.53 -10.42 -5.45
C PHE B 85 -20.74 -9.34 -6.42
N ALA B 86 -21.07 -9.72 -7.65
CA ALA B 86 -21.20 -8.62 -8.64
C ALA B 86 -22.18 -7.57 -8.45
N THR B 87 -23.42 -8.00 -7.99
CA THR B 87 -24.39 -6.88 -7.79
C THR B 87 -24.00 -6.08 -6.52
N LEU B 88 -23.37 -6.76 -5.57
CA LEU B 88 -22.94 -5.97 -4.36
C LEU B 88 -21.80 -5.04 -4.86
N SER B 89 -20.92 -5.57 -5.70
CA SER B 89 -19.78 -4.79 -6.25
C SER B 89 -20.32 -3.55 -6.87
N GLU B 90 -21.28 -3.73 -7.86
CA GLU B 90 -21.78 -2.52 -8.47
C GLU B 90 -22.48 -1.54 -7.57
N LEU B 91 -23.22 -2.13 -6.52
CA LEU B 91 -23.91 -1.25 -5.57
C LEU B 91 -22.86 -0.33 -4.78
N HIS B 92 -21.88 -1.12 -4.32
CA HIS B 92 -20.86 -0.31 -3.51
C HIS B 92 -20.16 0.79 -4.30
N CYS B 93 -20.01 0.51 -5.63
CA CYS B 93 -19.39 1.43 -6.55
C CYS B 93 -20.32 2.56 -6.90
N ASP B 94 -21.43 2.17 -7.54
CA ASP B 94 -22.35 3.16 -8.15
C ASP B 94 -23.24 3.87 -7.14
N LYS B 95 -23.59 3.04 -6.11
CA LYS B 95 -24.48 3.84 -5.26
C LYS B 95 -23.87 4.35 -3.96
N LEU B 96 -23.09 3.48 -3.36
CA LEU B 96 -22.61 3.88 -2.02
C LEU B 96 -21.28 4.61 -2.17
N HIS B 97 -20.64 4.43 -3.34
CA HIS B 97 -19.32 5.15 -3.44
C HIS B 97 -18.29 4.78 -2.41
N VAL B 98 -18.17 3.51 -2.13
CA VAL B 98 -17.22 3.02 -1.12
C VAL B 98 -15.84 2.77 -1.81
N ASP B 99 -14.78 3.44 -1.31
CA ASP B 99 -13.46 3.02 -1.87
C ASP B 99 -13.18 1.57 -1.48
N PRO B 100 -12.79 0.66 -2.42
CA PRO B 100 -12.56 -0.74 -2.17
C PRO B 100 -11.44 -0.98 -1.19
N GLU B 101 -10.65 0.13 -0.98
CA GLU B 101 -9.65 -0.12 0.08
C GLU B 101 -10.37 -0.50 1.40
N ASN B 102 -11.60 -0.02 1.57
CA ASN B 102 -12.37 -0.36 2.85
C ASN B 102 -12.61 -1.82 3.00
N PHE B 103 -12.74 -2.51 1.84
CA PHE B 103 -12.98 -3.96 1.91
C PHE B 103 -11.75 -4.69 2.39
N ARG B 104 -10.58 -4.08 2.00
CA ARG B 104 -9.35 -4.76 2.46
C ARG B 104 -9.15 -4.54 4.00
N LEU B 105 -9.49 -3.27 4.42
CA LEU B 105 -9.33 -3.01 5.87
C LEU B 105 -10.25 -3.97 6.64
N LEU B 106 -11.52 -4.00 6.10
CA LEU B 106 -12.43 -4.91 6.89
C LEU B 106 -11.91 -6.27 6.92
N GLY B 107 -11.31 -6.78 5.80
CA GLY B 107 -10.77 -8.17 5.80
C GLY B 107 -9.70 -8.35 6.84
N ASN B 108 -8.83 -7.37 7.00
CA ASN B 108 -7.80 -7.50 8.04
C ASN B 108 -8.41 -7.49 9.49
N VAL B 109 -9.36 -6.58 9.58
CA VAL B 109 -10.01 -6.52 10.95
C VAL B 109 -10.69 -7.87 11.25
N LEU B 110 -11.34 -8.31 10.19
CA LEU B 110 -12.02 -9.60 10.32
C LEU B 110 -11.04 -10.71 10.78
N VAL B 111 -9.86 -10.77 10.15
CA VAL B 111 -8.87 -11.76 10.55
C VAL B 111 -8.53 -11.54 12.01
N CYS B 112 -8.35 -10.28 12.44
CA CYS B 112 -8.01 -10.10 13.87
C CYS B 112 -9.17 -10.60 14.80
N VAL B 113 -10.39 -10.34 14.30
CA VAL B 113 -11.56 -10.77 15.09
C VAL B 113 -11.58 -12.29 15.22
N LEU B 114 -11.37 -13.08 14.18
CA LEU B 114 -11.39 -14.57 14.20
C LEU B 114 -10.31 -15.00 15.16
N ALA B 115 -9.14 -14.30 15.05
CA ALA B 115 -8.03 -14.67 15.94
C ALA B 115 -8.49 -14.43 17.40
N HIS B 116 -9.09 -13.29 17.65
CA HIS B 116 -9.51 -12.89 19.02
C HIS B 116 -10.46 -13.97 19.62
N HIS B 117 -11.37 -14.39 18.74
CA HIS B 117 -12.35 -15.41 19.09
C HIS B 117 -11.78 -16.83 19.16
N PHE B 118 -11.02 -17.28 18.17
CA PHE B 118 -10.63 -18.66 18.20
C PHE B 118 -9.33 -18.93 18.93
N GLY B 119 -8.65 -17.82 19.21
CA GLY B 119 -7.34 -18.03 19.89
C GLY B 119 -6.45 -18.95 19.07
N LYS B 120 -5.95 -19.88 19.90
CA LYS B 120 -4.97 -20.88 19.43
C LYS B 120 -5.37 -21.62 18.16
N GLU B 121 -6.68 -21.76 18.09
CA GLU B 121 -7.35 -22.44 16.99
C GLU B 121 -7.16 -21.68 15.66
N PHE B 122 -6.85 -20.40 15.80
CA PHE B 122 -6.64 -19.61 14.52
C PHE B 122 -5.12 -19.71 14.26
N THR B 123 -4.66 -20.86 13.78
CA THR B 123 -3.27 -21.10 13.50
C THR B 123 -2.77 -20.33 12.29
N PRO B 124 -1.45 -20.27 12.24
CA PRO B 124 -0.80 -19.57 11.11
C PRO B 124 -1.30 -20.00 9.74
N PRO B 125 -1.35 -21.33 9.41
CA PRO B 125 -1.91 -21.82 8.14
C PRO B 125 -3.42 -21.52 8.10
N VAL B 126 -4.21 -21.51 9.23
CA VAL B 126 -5.64 -21.14 9.10
C VAL B 126 -5.71 -19.67 8.75
N GLN B 127 -4.81 -18.86 9.43
CA GLN B 127 -4.83 -17.46 9.04
C GLN B 127 -4.45 -17.30 7.55
N ALA B 128 -3.39 -17.94 7.05
CA ALA B 128 -2.98 -17.81 5.61
C ALA B 128 -4.16 -18.10 4.66
N ALA B 129 -4.98 -19.13 4.91
CA ALA B 129 -6.15 -19.45 4.10
C ALA B 129 -7.18 -18.30 4.21
N TYR B 130 -7.52 -17.82 5.43
CA TYR B 130 -8.47 -16.67 5.56
C TYR B 130 -7.88 -15.42 4.85
N GLN B 131 -6.52 -15.22 4.94
CA GLN B 131 -5.92 -14.04 4.25
C GLN B 131 -6.32 -14.11 2.75
N LYS B 132 -6.20 -15.31 2.17
CA LYS B 132 -6.57 -15.42 0.71
C LYS B 132 -8.07 -15.20 0.51
N VAL B 133 -8.87 -15.78 1.45
CA VAL B 133 -10.29 -15.55 1.30
C VAL B 133 -10.64 -14.09 1.38
N VAL B 134 -10.16 -13.37 2.44
CA VAL B 134 -10.63 -11.98 2.46
C VAL B 134 -10.13 -11.10 1.31
N ALA B 135 -8.95 -11.52 0.85
CA ALA B 135 -8.35 -10.80 -0.34
C ALA B 135 -9.26 -11.17 -1.55
N GLY B 136 -9.68 -12.40 -1.65
CA GLY B 136 -10.49 -12.83 -2.77
C GLY B 136 -11.81 -12.04 -2.65
N VAL B 137 -12.38 -11.97 -1.40
CA VAL B 137 -13.70 -11.23 -1.32
C VAL B 137 -13.55 -9.74 -1.65
N ALA B 138 -12.45 -9.08 -1.10
CA ALA B 138 -12.26 -7.65 -1.47
C ALA B 138 -12.13 -7.41 -3.01
N ASN B 139 -11.39 -8.35 -3.64
CA ASN B 139 -11.21 -8.29 -5.11
C ASN B 139 -12.53 -8.50 -5.85
N ALA B 140 -13.31 -9.48 -5.38
CA ALA B 140 -14.65 -9.66 -6.02
C ALA B 140 -15.52 -8.44 -5.88
N LEU B 141 -15.45 -7.80 -4.62
CA LEU B 141 -16.26 -6.61 -4.39
C LEU B 141 -15.86 -5.36 -5.16
N ALA B 142 -14.49 -5.40 -5.44
CA ALA B 142 -13.92 -4.22 -6.15
C ALA B 142 -14.06 -4.42 -7.64
N HIS B 143 -14.39 -5.63 -8.14
CA HIS B 143 -14.43 -6.10 -9.51
C HIS B 143 -15.21 -5.22 -10.48
N LYS B 144 -16.43 -4.79 -10.17
CA LYS B 144 -17.27 -3.93 -10.98
C LYS B 144 -17.09 -2.44 -10.79
N TYR B 145 -16.00 -2.02 -10.12
CA TYR B 145 -15.88 -0.56 -9.95
C TYR B 145 -15.39 -0.02 -11.30
N HIS B 146 -15.68 1.17 -11.64
CA HIS B 146 -15.29 1.71 -12.99
C HIS B 146 -15.26 3.21 -12.81
N VAL C 1 12.40 12.39 4.46
CA VAL C 1 13.09 13.53 5.19
C VAL C 1 13.80 14.44 4.15
N LEU C 2 13.11 15.60 3.97
CA LEU C 2 13.53 16.55 2.95
C LEU C 2 14.89 17.15 3.30
N SER C 3 15.73 16.81 2.34
CA SER C 3 17.10 17.35 2.42
C SER C 3 17.00 18.74 1.76
N PRO C 4 18.16 19.42 1.99
CA PRO C 4 18.44 20.75 1.45
C PRO C 4 18.33 20.70 -0.08
N ALA C 5 19.03 19.73 -0.69
CA ALA C 5 18.97 19.49 -2.15
C ALA C 5 17.52 19.27 -2.66
N ASP C 6 16.84 18.40 -1.91
CA ASP C 6 15.43 18.14 -2.22
C ASP C 6 14.65 19.45 -2.27
N LYS C 7 14.81 20.19 -1.14
CA LYS C 7 13.97 21.40 -1.16
C LYS C 7 14.30 22.31 -2.32
N THR C 8 15.63 22.31 -2.58
CA THR C 8 16.07 23.23 -3.68
C THR C 8 15.48 22.67 -4.98
N ASN C 9 15.59 21.31 -5.04
CA ASN C 9 15.04 20.62 -6.23
C ASN C 9 13.54 20.90 -6.41
N VAL C 10 12.82 20.83 -5.24
CA VAL C 10 11.39 21.02 -5.59
C VAL C 10 11.05 22.46 -5.90
N LYS C 11 11.81 23.31 -5.18
CA LYS C 11 11.51 24.75 -5.42
C LYS C 11 11.74 25.05 -6.92
N ALA C 12 12.80 24.45 -7.46
CA ALA C 12 13.17 24.60 -8.88
C ALA C 12 12.08 24.16 -9.82
N ALA C 13 11.80 22.87 -9.76
CA ALA C 13 10.76 22.16 -10.56
C ALA C 13 9.46 22.96 -10.54
N TRP C 14 9.00 23.20 -9.31
CA TRP C 14 7.78 23.90 -8.97
C TRP C 14 7.83 25.29 -9.57
N GLY C 15 9.05 25.78 -9.51
CA GLY C 15 9.39 27.10 -10.07
C GLY C 15 9.05 27.15 -11.57
N LYS C 16 9.43 26.16 -12.34
CA LYS C 16 9.14 26.13 -13.79
C LYS C 16 7.68 25.84 -14.14
N VAL C 17 6.88 25.24 -13.23
CA VAL C 17 5.45 24.89 -13.48
C VAL C 17 4.64 26.17 -13.78
N GLY C 18 4.98 27.04 -12.83
CA GLY C 18 4.55 28.42 -12.69
C GLY C 18 3.11 28.70 -12.99
N ALA C 19 2.80 29.48 -14.06
CA ALA C 19 1.34 29.69 -14.22
C ALA C 19 0.56 28.47 -14.73
N HIS C 20 1.24 27.35 -15.04
CA HIS C 20 0.54 26.13 -15.49
C HIS C 20 0.17 25.12 -14.39
N ALA C 21 0.56 25.52 -13.17
CA ALA C 21 0.30 24.72 -11.95
C ALA C 21 -1.20 24.32 -11.93
N GLY C 22 -2.25 25.13 -12.00
CA GLY C 22 -3.69 24.79 -11.99
C GLY C 22 -4.00 23.75 -13.09
N GLU C 23 -3.31 23.97 -14.26
CA GLU C 23 -3.42 23.12 -15.44
C GLU C 23 -2.91 21.69 -15.16
N TYR C 24 -1.71 21.66 -14.63
CA TYR C 24 -1.07 20.40 -14.27
C TYR C 24 -1.93 19.75 -13.12
N GLY C 25 -2.44 20.54 -12.20
CA GLY C 25 -3.30 20.04 -11.10
C GLY C 25 -4.49 19.30 -11.75
N ALA C 26 -5.25 19.98 -12.63
CA ALA C 26 -6.39 19.35 -13.29
C ALA C 26 -5.95 18.15 -14.10
N GLU C 27 -4.78 18.24 -14.78
CA GLU C 27 -4.32 17.09 -15.56
C GLU C 27 -4.00 15.87 -14.71
N ALA C 28 -3.30 16.12 -13.58
CA ALA C 28 -2.92 15.10 -12.60
C ALA C 28 -4.24 14.43 -12.11
N LEU C 29 -5.30 15.25 -11.87
CA LEU C 29 -6.57 14.63 -11.40
C LEU C 29 -7.14 13.71 -12.47
N GLU C 30 -7.09 14.25 -13.70
CA GLU C 30 -7.66 13.51 -14.83
C GLU C 30 -6.99 12.21 -14.99
N ARG C 31 -5.65 12.31 -14.91
CA ARG C 31 -4.90 11.01 -15.05
C ARG C 31 -5.27 10.02 -13.94
N MET C 32 -5.43 10.59 -12.70
CA MET C 32 -5.74 9.66 -11.56
C MET C 32 -7.11 8.95 -11.74
N PHE C 33 -8.06 9.76 -12.15
CA PHE C 33 -9.47 9.24 -12.36
C PHE C 33 -9.48 8.21 -13.45
N LEU C 34 -8.65 8.46 -14.50
CA LEU C 34 -8.65 7.38 -15.52
C LEU C 34 -7.83 6.16 -15.17
N SER C 35 -6.62 6.42 -14.53
CA SER C 35 -5.75 5.28 -14.25
C SER C 35 -6.16 4.45 -13.00
N PHE C 36 -6.83 5.21 -12.11
CA PHE C 36 -7.21 4.56 -10.79
C PHE C 36 -8.66 4.93 -10.53
N PRO C 37 -9.55 4.29 -11.25
CA PRO C 37 -10.99 4.67 -11.15
C PRO C 37 -11.64 4.62 -9.73
N THR C 38 -10.97 3.80 -8.89
CA THR C 38 -11.50 3.77 -7.49
C THR C 38 -11.42 5.15 -6.84
N THR C 39 -10.52 6.05 -7.31
CA THR C 39 -10.37 7.37 -6.71
C THR C 39 -11.61 8.22 -6.96
N LYS C 40 -12.32 7.79 -8.03
CA LYS C 40 -13.56 8.57 -8.33
C LYS C 40 -14.67 8.44 -7.19
N THR C 41 -14.49 7.39 -6.36
CA THR C 41 -15.51 7.22 -5.27
C THR C 41 -15.52 8.43 -4.35
N TYR C 42 -14.48 9.27 -4.33
CA TYR C 42 -14.47 10.47 -3.47
C TYR C 42 -15.09 11.68 -4.09
N PHE C 43 -15.47 11.61 -5.36
CA PHE C 43 -15.99 12.81 -6.07
C PHE C 43 -17.27 12.45 -6.80
N PRO C 44 -18.19 11.80 -6.10
CA PRO C 44 -19.47 11.39 -6.76
C PRO C 44 -20.29 12.61 -7.23
N HIS C 45 -20.07 13.73 -6.50
CA HIS C 45 -20.75 14.99 -6.77
C HIS C 45 -20.03 15.76 -7.88
N PHE C 46 -18.94 15.23 -8.39
CA PHE C 46 -18.22 16.00 -9.44
C PHE C 46 -18.68 15.42 -10.80
N ASP C 47 -18.58 16.33 -11.77
CA ASP C 47 -18.69 15.99 -13.19
C ASP C 47 -17.17 15.66 -13.45
N LEU C 48 -17.02 14.37 -13.67
CA LEU C 48 -15.68 13.81 -13.86
C LEU C 48 -15.26 13.73 -15.33
N SER C 49 -16.18 14.23 -16.12
CA SER C 49 -16.01 14.36 -17.57
C SER C 49 -14.74 15.24 -17.81
N HIS C 50 -14.30 14.82 -18.99
CA HIS C 50 -13.17 15.41 -19.67
C HIS C 50 -13.29 16.93 -19.81
N GLY C 51 -12.29 17.51 -19.09
CA GLY C 51 -12.22 19.00 -19.09
C GLY C 51 -13.39 19.64 -18.33
N SER C 52 -13.92 18.82 -17.42
CA SER C 52 -14.98 19.25 -16.49
C SER C 52 -14.49 20.51 -15.78
N ALA C 53 -15.31 21.52 -15.52
CA ALA C 53 -15.01 22.78 -14.81
C ALA C 53 -14.71 22.56 -13.32
N GLN C 54 -15.33 21.49 -12.76
CA GLN C 54 -15.09 21.10 -11.37
C GLN C 54 -13.66 20.51 -11.20
N VAL C 55 -13.43 19.69 -12.27
CA VAL C 55 -12.12 19.03 -12.25
C VAL C 55 -11.16 20.20 -12.40
N LYS C 56 -11.36 21.15 -13.32
CA LYS C 56 -10.35 22.26 -13.44
C LYS C 56 -10.21 23.09 -12.16
N GLY C 57 -11.39 23.33 -11.58
CA GLY C 57 -11.47 24.08 -10.32
C GLY C 57 -10.68 23.43 -9.22
N HIS C 58 -10.99 22.13 -9.16
CA HIS C 58 -10.28 21.35 -8.09
C HIS C 58 -8.74 21.25 -8.25
N GLY C 59 -8.32 21.08 -9.50
CA GLY C 59 -6.92 20.98 -9.97
C GLY C 59 -6.16 22.25 -9.52
N LYS C 60 -6.92 23.34 -9.71
CA LYS C 60 -6.34 24.60 -9.24
C LYS C 60 -6.19 24.58 -7.76
N LYS C 61 -7.23 24.21 -7.01
CA LYS C 61 -7.08 24.22 -5.53
C LYS C 61 -5.96 23.33 -5.04
N VAL C 62 -5.94 22.15 -5.67
CA VAL C 62 -4.84 21.27 -5.24
C VAL C 62 -3.47 21.85 -5.60
N ALA C 63 -3.44 22.39 -6.86
CA ALA C 63 -2.15 22.99 -7.34
C ALA C 63 -1.74 24.12 -6.39
N ASP C 64 -2.69 25.01 -6.05
CA ASP C 64 -2.42 26.06 -5.03
C ASP C 64 -2.00 25.45 -3.69
N ALA C 65 -2.59 24.38 -3.17
CA ALA C 65 -2.04 23.90 -1.88
C ALA C 65 -0.58 23.44 -2.05
N LEU C 66 -0.21 22.83 -3.21
CA LEU C 66 1.21 22.37 -3.43
C LEU C 66 2.28 23.49 -3.43
N THR C 67 1.83 24.55 -4.08
CA THR C 67 2.62 25.80 -4.16
C THR C 67 2.98 26.33 -2.75
N ASN C 68 1.94 26.28 -1.94
CA ASN C 68 2.00 26.73 -0.53
C ASN C 68 2.89 25.81 0.24
N ALA C 69 2.83 24.51 0.00
CA ALA C 69 3.64 23.51 0.69
C ALA C 69 5.08 23.80 0.23
N VAL C 70 5.24 24.11 -1.05
CA VAL C 70 6.59 24.39 -1.65
C VAL C 70 7.21 25.62 -0.99
N ALA C 71 6.45 26.70 -0.91
CA ALA C 71 6.80 27.98 -0.17
C ALA C 71 7.18 27.78 1.29
N HIS C 72 6.39 26.91 1.95
CA HIS C 72 6.60 26.45 3.31
C HIS C 72 7.24 25.05 3.44
N VAL C 73 8.08 24.57 2.57
CA VAL C 73 8.67 23.24 2.60
C VAL C 73 9.13 22.86 4.02
N ASP C 74 9.63 23.96 4.57
CA ASP C 74 10.23 23.94 5.91
C ASP C 74 9.26 23.76 7.08
N ASP C 75 7.98 24.03 6.94
CA ASP C 75 6.91 24.08 7.95
C ASP C 75 5.57 23.57 7.45
N MET C 76 5.70 22.42 6.80
CA MET C 76 4.47 21.93 6.17
C MET C 76 3.30 21.76 7.13
N PRO C 77 3.71 21.09 8.19
CA PRO C 77 2.72 20.68 9.21
C PRO C 77 1.83 21.86 9.47
N ASN C 78 2.58 22.96 9.57
CA ASN C 78 1.82 24.19 9.87
C ASN C 78 1.13 24.80 8.69
N ALA C 79 1.97 24.87 7.66
CA ALA C 79 1.48 25.48 6.41
C ALA C 79 0.17 24.76 6.06
N LEU C 80 0.12 23.43 6.28
CA LEU C 80 -1.09 22.66 5.90
C LEU C 80 -2.01 22.15 6.98
N SER C 81 -2.02 22.54 8.23
CA SER C 81 -2.88 21.99 9.28
C SER C 81 -4.36 22.05 8.87
N ALA C 82 -4.79 23.17 8.28
CA ALA C 82 -6.21 23.28 7.91
C ALA C 82 -6.66 22.12 7.00
N LEU C 83 -5.76 21.86 6.06
CA LEU C 83 -5.90 20.82 5.02
C LEU C 83 -5.73 19.46 5.71
N SER C 84 -4.82 19.18 6.67
CA SER C 84 -4.78 17.84 7.27
C SER C 84 -6.13 17.70 8.06
N ASP C 85 -6.53 18.84 8.65
CA ASP C 85 -7.79 18.74 9.42
C ASP C 85 -8.92 18.25 8.52
N LEU C 86 -8.99 19.06 7.43
CA LEU C 86 -10.03 18.80 6.47
C LEU C 86 -10.06 17.34 5.99
N HIS C 87 -8.93 16.85 5.59
CA HIS C 87 -8.87 15.48 5.04
C HIS C 87 -9.13 14.49 6.19
N ALA C 88 -8.60 14.75 7.39
CA ALA C 88 -8.73 13.80 8.52
C ALA C 88 -10.19 13.67 9.06
N HIS C 89 -10.85 14.85 9.15
CA HIS C 89 -12.17 14.83 9.85
C HIS C 89 -13.43 14.92 9.06
N LYS C 90 -13.24 15.43 7.82
CA LYS C 90 -14.37 15.64 6.94
C LYS C 90 -14.33 14.79 5.69
N LEU C 91 -13.35 14.90 4.81
CA LEU C 91 -13.14 14.14 3.57
C LEU C 91 -12.86 12.68 3.90
N ARG C 92 -11.91 12.45 4.82
CA ARG C 92 -11.63 11.08 5.26
C ARG C 92 -11.28 10.18 4.11
N VAL C 93 -10.42 10.78 3.22
CA VAL C 93 -9.99 9.98 2.04
C VAL C 93 -9.11 8.83 2.50
N ASP C 94 -9.19 7.56 2.05
CA ASP C 94 -8.33 6.55 2.51
C ASP C 94 -6.87 6.96 2.19
N PRO C 95 -5.91 6.86 3.08
CA PRO C 95 -4.49 7.21 2.81
C PRO C 95 -3.87 6.52 1.61
N VAL C 96 -4.33 5.37 1.12
CA VAL C 96 -3.70 4.77 -0.07
C VAL C 96 -3.91 5.68 -1.26
N ASN C 97 -4.90 6.53 -1.26
CA ASN C 97 -5.20 7.33 -2.44
C ASN C 97 -4.13 8.41 -2.69
N PHE C 98 -3.53 8.84 -1.55
CA PHE C 98 -2.50 9.93 -1.68
C PHE C 98 -1.35 9.46 -2.64
N LYS C 99 -0.95 8.24 -2.52
CA LYS C 99 0.10 7.66 -3.40
C LYS C 99 -0.33 7.76 -4.87
N LEU C 100 -1.63 7.52 -5.13
CA LEU C 100 -2.05 7.51 -6.52
C LEU C 100 -2.02 8.88 -7.12
N LEU C 101 -2.49 9.88 -6.43
CA LEU C 101 -2.53 11.22 -6.87
C LEU C 101 -1.03 11.66 -6.95
N SER C 102 -0.15 11.32 -6.04
CA SER C 102 1.28 11.80 -6.10
C SER C 102 1.95 11.29 -7.41
N HIS C 103 1.76 10.01 -7.68
CA HIS C 103 2.23 9.35 -8.88
C HIS C 103 1.70 10.16 -10.06
N CYS C 104 0.42 10.42 -10.21
CA CYS C 104 -0.21 11.13 -11.33
C CYS C 104 0.37 12.54 -11.46
N LEU C 105 0.75 13.14 -10.37
CA LEU C 105 1.33 14.49 -10.46
C LEU C 105 2.80 14.29 -10.98
N LEU C 106 3.53 13.30 -10.56
CA LEU C 106 4.89 13.10 -11.03
C LEU C 106 4.80 12.91 -12.53
N VAL C 107 3.92 12.03 -12.95
CA VAL C 107 3.70 11.72 -14.40
C VAL C 107 3.31 13.03 -15.05
N THR C 108 2.42 13.86 -14.61
CA THR C 108 2.07 15.15 -15.18
C THR C 108 3.33 16.06 -15.39
N LEU C 109 4.17 16.14 -14.37
CA LEU C 109 5.39 16.97 -14.38
C LEU C 109 6.41 16.50 -15.43
N ALA C 110 6.73 15.22 -15.35
CA ALA C 110 7.65 14.63 -16.33
C ALA C 110 7.29 14.93 -17.80
N ALA C 111 6.00 14.89 -18.14
CA ALA C 111 5.39 14.96 -19.45
C ALA C 111 5.52 16.38 -20.02
N HIS C 112 5.58 17.30 -19.06
CA HIS C 112 5.63 18.74 -19.24
C HIS C 112 6.97 19.34 -18.84
N LEU C 113 7.91 18.90 -18.08
CA LEU C 113 9.13 19.60 -17.65
C LEU C 113 10.21 18.57 -17.87
N PRO C 114 10.26 18.06 -19.09
CA PRO C 114 11.20 16.99 -19.42
C PRO C 114 12.65 17.33 -19.16
N ALA C 115 13.10 18.53 -19.43
CA ALA C 115 14.43 19.02 -19.20
C ALA C 115 14.81 18.93 -17.72
N GLU C 116 13.82 19.49 -17.01
CA GLU C 116 13.95 19.59 -15.55
C GLU C 116 13.71 18.32 -14.71
N PHE C 117 13.00 17.38 -15.33
CA PHE C 117 12.58 16.14 -14.63
C PHE C 117 13.64 15.08 -14.72
N THR C 118 14.66 15.48 -14.06
CA THR C 118 15.96 14.74 -13.91
C THR C 118 15.83 13.65 -12.90
N PRO C 119 16.64 12.60 -12.92
CA PRO C 119 16.56 11.49 -11.91
C PRO C 119 16.57 12.03 -10.49
N ALA C 120 17.41 13.01 -10.17
CA ALA C 120 17.54 13.69 -8.88
C ALA C 120 16.27 14.51 -8.56
N VAL C 121 15.72 15.25 -9.52
CA VAL C 121 14.56 16.10 -9.32
C VAL C 121 13.28 15.21 -9.06
N HIS C 122 13.31 14.20 -9.91
CA HIS C 122 12.27 13.17 -9.82
C HIS C 122 12.28 12.57 -8.39
N ALA C 123 13.42 12.17 -7.88
CA ALA C 123 13.57 11.62 -6.51
C ALA C 123 13.07 12.63 -5.46
N SER C 124 13.44 13.91 -5.65
CA SER C 124 13.06 15.03 -4.77
C SER C 124 11.54 15.26 -4.73
N LEU C 125 10.87 15.36 -5.85
CA LEU C 125 9.45 15.58 -5.91
C LEU C 125 8.68 14.38 -5.28
N ASP C 126 9.25 13.17 -5.52
CA ASP C 126 8.58 11.95 -4.99
C ASP C 126 8.56 12.07 -3.46
N LYS C 127 9.76 12.35 -2.91
CA LYS C 127 9.87 12.55 -1.43
C LYS C 127 8.97 13.67 -0.95
N PHE C 128 8.89 14.75 -1.65
CA PHE C 128 8.13 15.94 -1.38
C PHE C 128 6.63 15.56 -1.34
N LEU C 129 6.23 14.89 -2.43
CA LEU C 129 4.73 14.57 -2.41
C LEU C 129 4.44 13.58 -1.29
N ALA C 130 5.35 12.72 -0.96
CA ALA C 130 5.25 11.71 0.06
C ALA C 130 5.07 12.49 1.38
N SER C 131 5.91 13.50 1.64
CA SER C 131 5.72 14.16 2.97
C SER C 131 4.46 15.01 3.01
N VAL C 132 4.06 15.56 1.86
CA VAL C 132 2.82 16.31 1.86
C VAL C 132 1.71 15.26 2.24
N SER C 133 1.87 14.07 1.62
CA SER C 133 0.84 13.02 1.85
C SER C 133 0.74 12.69 3.35
N THR C 134 1.90 12.59 3.91
CA THR C 134 2.07 12.29 5.29
C THR C 134 1.43 13.38 6.17
N VAL C 135 1.72 14.60 5.77
CA VAL C 135 1.15 15.70 6.59
C VAL C 135 -0.39 15.66 6.63
N LEU C 136 -0.87 15.41 5.42
CA LEU C 136 -2.33 15.43 5.13
C LEU C 136 -3.07 14.25 5.80
N THR C 137 -2.30 13.21 6.07
CA THR C 137 -2.94 12.07 6.75
C THR C 137 -2.55 11.96 8.22
N SER C 138 -1.79 12.91 8.77
CA SER C 138 -1.24 12.83 10.14
C SER C 138 -2.27 12.80 11.30
N LYS C 139 -3.35 13.53 10.97
CA LYS C 139 -4.42 13.59 12.01
C LYS C 139 -5.56 12.61 11.86
N TYR C 140 -5.36 11.54 11.07
CA TYR C 140 -6.51 10.67 10.76
C TYR C 140 -7.05 9.88 11.97
N ARG C 141 -6.09 9.59 12.84
CA ARG C 141 -6.44 8.80 14.07
C ARG C 141 -5.29 9.08 15.09
N VAL D 1 -4.70 -9.29 -19.71
CA VAL D 1 -5.26 -8.08 -19.12
C VAL D 1 -6.38 -7.47 -20.02
N HIS D 2 -7.17 -6.94 -19.07
CA HIS D 2 -8.42 -6.28 -19.47
C HIS D 2 -8.06 -4.94 -20.10
N LEU D 3 -7.34 -5.35 -21.17
CA LEU D 3 -6.95 -4.24 -22.05
C LEU D 3 -8.02 -4.52 -23.10
N THR D 4 -8.67 -3.48 -23.42
CA THR D 4 -9.57 -2.97 -24.40
C THR D 4 -8.66 -2.85 -25.62
N PRO D 5 -9.25 -2.97 -26.75
CA PRO D 5 -8.49 -2.90 -28.00
C PRO D 5 -7.92 -1.53 -28.31
N GLU D 6 -8.63 -0.46 -27.99
CA GLU D 6 -8.22 0.93 -28.18
C GLU D 6 -7.10 1.26 -27.16
N GLU D 7 -7.10 0.38 -26.17
CA GLU D 7 -6.17 0.35 -25.09
C GLU D 7 -4.94 -0.42 -25.60
N LYS D 8 -5.10 -1.64 -25.98
CA LYS D 8 -4.11 -2.52 -26.59
C LYS D 8 -3.49 -1.81 -27.80
N SER D 9 -4.23 -1.16 -28.64
CA SER D 9 -3.70 -0.43 -29.81
C SER D 9 -2.82 0.75 -29.37
N ALA D 10 -3.16 1.32 -28.23
CA ALA D 10 -2.57 2.55 -27.69
C ALA D 10 -1.18 2.32 -27.11
N VAL D 11 -1.10 1.10 -26.61
CA VAL D 11 0.08 0.58 -25.91
C VAL D 11 1.21 0.29 -26.93
N THR D 12 0.78 -0.50 -27.86
CA THR D 12 1.44 -1.06 -29.03
C THR D 12 2.04 0.07 -29.81
N ALA D 13 1.24 1.06 -30.18
CA ALA D 13 1.68 2.24 -30.94
C ALA D 13 2.76 3.14 -30.35
N LEU D 14 2.71 3.32 -29.03
CA LEU D 14 3.70 4.21 -28.44
C LEU D 14 4.94 3.33 -28.27
N TRP D 15 4.57 2.07 -28.00
CA TRP D 15 5.68 1.21 -27.67
C TRP D 15 6.72 1.14 -28.81
N GLY D 16 6.11 1.11 -29.98
CA GLY D 16 6.78 1.02 -31.27
C GLY D 16 7.80 2.16 -31.47
N LYS D 17 7.62 3.31 -30.88
CA LYS D 17 8.41 4.48 -30.87
C LYS D 17 9.53 4.50 -29.80
N VAL D 18 9.51 3.41 -28.99
CA VAL D 18 10.44 3.34 -27.83
C VAL D 18 11.86 2.87 -28.28
N ASN D 19 12.79 3.65 -27.75
CA ASN D 19 14.19 3.27 -27.81
C ASN D 19 14.34 2.40 -26.53
N VAL D 20 14.29 1.10 -26.55
CA VAL D 20 14.42 0.25 -25.40
C VAL D 20 15.73 0.50 -24.68
N ASP D 21 16.80 0.69 -25.39
CA ASP D 21 18.13 0.88 -24.78
C ASP D 21 18.16 1.95 -23.68
N GLU D 22 17.65 3.03 -24.31
CA GLU D 22 17.63 4.27 -23.56
C GLU D 22 16.52 4.20 -22.47
N VAL D 23 15.34 3.82 -22.85
CA VAL D 23 14.23 3.81 -21.87
C VAL D 23 14.54 2.76 -20.80
N GLY D 24 15.02 1.61 -21.11
CA GLY D 24 15.42 0.61 -20.14
C GLY D 24 16.54 1.14 -19.23
N GLY D 25 17.55 1.90 -19.69
CA GLY D 25 18.59 2.30 -18.73
C GLY D 25 18.10 3.40 -17.84
N GLU D 26 17.27 4.26 -18.42
CA GLU D 26 16.69 5.39 -17.73
C GLU D 26 15.76 4.91 -16.56
N ALA D 27 14.88 3.96 -16.88
CA ALA D 27 13.87 3.30 -16.00
C ALA D 27 14.62 2.68 -14.79
N LEU D 28 15.58 1.79 -15.06
CA LEU D 28 16.36 1.15 -13.97
C LEU D 28 17.19 2.17 -13.18
N GLY D 29 17.79 3.15 -13.83
CA GLY D 29 18.59 4.14 -13.14
C GLY D 29 17.66 4.93 -12.18
N ARG D 30 16.55 5.42 -12.59
CA ARG D 30 15.58 6.25 -11.84
C ARG D 30 15.05 5.41 -10.68
N LEU D 31 14.85 4.13 -10.88
CA LEU D 31 14.36 3.24 -9.79
C LEU D 31 15.40 3.27 -8.66
N LEU D 32 16.66 3.10 -9.11
CA LEU D 32 17.75 3.00 -8.11
C LEU D 32 17.95 4.32 -7.39
N VAL D 33 17.64 5.40 -8.04
CA VAL D 33 17.81 6.77 -7.60
C VAL D 33 16.56 7.06 -6.72
N VAL D 34 15.31 6.95 -7.14
CA VAL D 34 14.12 7.38 -6.37
C VAL D 34 13.81 6.49 -5.14
N TYR D 35 14.09 5.24 -5.37
CA TYR D 35 13.84 4.24 -4.33
C TYR D 35 15.11 3.48 -4.09
N PRO D 36 15.92 4.25 -3.36
CA PRO D 36 17.27 3.72 -3.11
C PRO D 36 17.43 2.34 -2.53
N TRP D 37 16.43 1.89 -1.74
CA TRP D 37 16.57 0.56 -1.10
C TRP D 37 16.63 -0.51 -2.21
N THR D 38 16.11 -0.14 -3.45
CA THR D 38 16.18 -1.21 -4.55
C THR D 38 17.63 -1.55 -5.01
N GLN D 39 18.54 -0.65 -4.56
CA GLN D 39 19.96 -0.92 -4.84
C GLN D 39 20.43 -2.18 -4.19
N ARG D 40 19.72 -2.68 -3.21
CA ARG D 40 20.14 -3.88 -2.48
C ARG D 40 20.47 -5.10 -3.36
N PHE D 41 19.88 -5.15 -4.54
CA PHE D 41 20.08 -6.30 -5.44
C PHE D 41 21.25 -6.09 -6.41
N PHE D 42 21.76 -4.88 -6.49
CA PHE D 42 22.77 -4.46 -7.47
C PHE D 42 24.07 -3.94 -6.91
N GLU D 43 24.52 -4.64 -5.88
CA GLU D 43 25.79 -4.11 -5.25
C GLU D 43 27.00 -4.23 -6.16
N SER D 44 27.01 -5.33 -6.90
CA SER D 44 27.94 -5.78 -7.92
C SER D 44 28.02 -4.85 -9.14
N PHE D 45 27.10 -3.93 -9.41
CA PHE D 45 27.12 -2.97 -10.52
C PHE D 45 28.16 -1.87 -10.36
N GLY D 46 28.51 -1.85 -9.08
CA GLY D 46 29.47 -0.90 -8.58
C GLY D 46 28.86 0.23 -7.74
N ASP D 47 29.37 1.36 -8.27
CA ASP D 47 29.05 2.67 -7.68
C ASP D 47 27.65 3.19 -8.12
N LEU D 48 26.90 3.39 -7.03
CA LEU D 48 25.49 3.87 -7.17
C LEU D 48 25.24 5.05 -6.27
N SER D 49 26.27 5.50 -5.56
CA SER D 49 26.21 6.57 -4.55
C SER D 49 25.50 7.87 -4.97
N THR D 50 25.67 8.15 -6.27
CA THR D 50 24.95 9.35 -6.69
C THR D 50 24.09 8.99 -7.88
N PRO D 51 23.10 9.84 -8.08
CA PRO D 51 22.22 9.73 -9.25
C PRO D 51 23.05 9.65 -10.55
N ASP D 52 24.11 10.43 -10.68
CA ASP D 52 25.04 10.45 -11.83
C ASP D 52 25.83 9.12 -11.90
N ALA D 53 26.32 8.78 -10.71
CA ALA D 53 27.00 7.47 -10.62
C ALA D 53 26.06 6.37 -11.13
N VAL D 54 24.74 6.48 -10.81
CA VAL D 54 23.77 5.42 -11.20
C VAL D 54 23.43 5.45 -12.70
N MET D 55 23.14 6.72 -13.09
CA MET D 55 22.70 6.93 -14.49
C MET D 55 23.78 6.57 -15.53
N GLY D 56 25.02 6.87 -15.14
CA GLY D 56 26.27 6.61 -15.83
C GLY D 56 26.67 5.11 -15.87
N ASN D 57 26.36 4.42 -14.76
CA ASN D 57 26.71 2.99 -14.60
C ASN D 57 26.18 2.14 -15.78
N PRO D 58 27.21 1.59 -16.46
CA PRO D 58 27.02 0.73 -17.64
C PRO D 58 26.27 -0.54 -17.40
N LYS D 59 26.53 -1.02 -16.12
CA LYS D 59 25.72 -2.27 -16.00
C LYS D 59 24.23 -2.00 -15.61
N VAL D 60 24.03 -0.85 -14.99
CA VAL D 60 22.64 -0.51 -14.58
C VAL D 60 21.85 -0.42 -15.89
N LYS D 61 22.64 0.30 -16.75
CA LYS D 61 22.21 0.58 -18.13
C LYS D 61 22.03 -0.68 -18.98
N ALA D 62 22.95 -1.64 -18.89
CA ALA D 62 22.88 -2.95 -19.58
C ALA D 62 21.77 -3.80 -18.93
N HIS D 63 21.71 -3.80 -17.59
CA HIS D 63 20.58 -4.56 -16.94
C HIS D 63 19.26 -3.79 -17.30
N GLY D 64 19.30 -2.46 -17.38
CA GLY D 64 18.03 -1.79 -17.76
C GLY D 64 17.53 -2.27 -19.12
N LYS D 65 18.40 -2.35 -20.12
CA LYS D 65 17.92 -2.81 -21.47
C LYS D 65 17.46 -4.28 -21.49
N LYS D 66 18.13 -5.11 -20.63
CA LYS D 66 17.72 -6.51 -20.61
C LYS D 66 16.32 -6.68 -19.97
N VAL D 67 16.10 -5.93 -18.86
CA VAL D 67 14.77 -5.89 -18.20
C VAL D 67 13.68 -5.37 -19.18
N LEU D 68 13.91 -4.24 -19.89
CA LEU D 68 12.95 -3.63 -20.86
C LEU D 68 12.71 -4.51 -22.11
N GLY D 69 13.82 -5.24 -22.40
CA GLY D 69 13.86 -6.22 -23.48
C GLY D 69 12.78 -7.24 -23.15
N ALA D 70 12.91 -7.89 -22.00
CA ALA D 70 11.96 -8.89 -21.47
C ALA D 70 10.55 -8.25 -21.39
N PHE D 71 10.46 -7.00 -20.91
CA PHE D 71 9.14 -6.38 -20.85
C PHE D 71 8.48 -6.31 -22.22
N SER D 72 9.32 -5.78 -23.10
CA SER D 72 9.00 -5.59 -24.56
C SER D 72 8.42 -6.86 -25.14
N ASP D 73 8.93 -8.07 -24.94
CA ASP D 73 8.39 -9.35 -25.40
C ASP D 73 7.06 -9.64 -24.71
N GLY D 74 7.03 -9.33 -23.43
CA GLY D 74 5.73 -9.63 -22.78
C GLY D 74 4.61 -8.88 -23.49
N LEU D 75 4.99 -7.75 -24.12
CA LEU D 75 3.96 -6.92 -24.79
C LEU D 75 3.41 -7.68 -26.03
N ALA D 76 4.08 -8.71 -26.50
CA ALA D 76 3.60 -9.57 -27.59
C ALA D 76 2.51 -10.59 -27.18
N HIS D 77 2.42 -10.88 -25.89
CA HIS D 77 1.64 -11.77 -25.05
C HIS D 77 0.79 -11.22 -23.86
N LEU D 78 0.26 -10.03 -24.05
CA LEU D 78 -0.60 -9.20 -23.19
C LEU D 78 -1.82 -9.95 -22.66
N ASP D 79 -2.27 -10.94 -23.39
CA ASP D 79 -3.12 -12.05 -23.63
C ASP D 79 -2.81 -13.11 -22.53
N ASN D 80 -1.46 -13.13 -22.32
CA ASN D 80 -0.91 -14.09 -21.37
C ASN D 80 0.41 -13.70 -20.75
N LEU D 81 0.33 -12.69 -19.91
CA LEU D 81 1.64 -12.25 -19.28
C LEU D 81 2.12 -13.34 -18.41
N LYS D 82 1.07 -13.97 -17.80
CA LYS D 82 1.42 -15.02 -16.83
C LYS D 82 2.31 -16.15 -17.25
N GLY D 83 2.00 -16.75 -18.41
CA GLY D 83 2.79 -17.91 -18.90
C GLY D 83 4.05 -17.32 -19.56
N THR D 84 3.82 -16.11 -20.14
CA THR D 84 4.94 -15.37 -20.71
C THR D 84 5.89 -15.11 -19.51
N PHE D 85 5.56 -14.81 -18.27
CA PHE D 85 6.62 -14.56 -17.25
C PHE D 85 6.92 -15.56 -16.20
N ALA D 86 6.27 -16.69 -16.44
CA ALA D 86 6.37 -17.71 -15.38
C ALA D 86 7.77 -18.06 -14.99
N THR D 87 8.67 -18.19 -15.98
CA THR D 87 10.02 -18.70 -15.63
C THR D 87 10.88 -17.62 -15.00
N LEU D 88 10.56 -16.46 -15.53
CA LEU D 88 11.16 -15.22 -14.95
C LEU D 88 10.57 -15.02 -13.51
N SER D 89 9.30 -15.33 -13.35
CA SER D 89 8.64 -15.31 -12.03
C SER D 89 9.41 -16.21 -11.07
N GLU D 90 9.61 -17.49 -11.41
CA GLU D 90 10.33 -18.37 -10.47
C GLU D 90 11.72 -17.98 -10.18
N LEU D 91 12.34 -17.47 -11.27
CA LEU D 91 13.69 -17.00 -11.16
C LEU D 91 13.90 -15.84 -10.11
N HIS D 92 12.98 -14.89 -10.32
CA HIS D 92 12.96 -13.68 -9.44
C HIS D 92 12.73 -14.08 -7.95
N CYS D 93 11.86 -15.07 -7.79
CA CYS D 93 11.51 -15.70 -6.54
C CYS D 93 12.68 -16.56 -6.06
N ASP D 94 12.92 -17.73 -6.67
CA ASP D 94 13.91 -18.74 -6.16
C ASP D 94 15.40 -18.43 -6.26
N LYS D 95 15.75 -17.61 -7.27
CA LYS D 95 17.20 -17.34 -7.31
C LYS D 95 17.45 -15.93 -6.90
N LEU D 96 16.62 -14.99 -7.38
CA LEU D 96 17.06 -13.58 -7.06
C LEU D 96 16.51 -13.02 -5.75
N HIS D 97 15.49 -13.68 -5.20
CA HIS D 97 14.83 -13.20 -3.92
C HIS D 97 14.34 -11.78 -4.09
N VAL D 98 13.81 -11.42 -5.26
CA VAL D 98 13.43 -10.03 -5.40
C VAL D 98 12.03 -9.81 -4.84
N ASP D 99 11.76 -8.91 -3.93
CA ASP D 99 10.34 -8.68 -3.46
C ASP D 99 9.56 -8.16 -4.65
N PRO D 100 8.40 -8.69 -5.03
CA PRO D 100 7.61 -8.25 -6.16
C PRO D 100 7.15 -6.85 -6.02
N GLU D 101 7.27 -6.28 -4.79
CA GLU D 101 6.90 -4.84 -4.68
C GLU D 101 7.82 -4.05 -5.54
N ASN D 102 9.07 -4.56 -5.71
CA ASN D 102 9.99 -3.85 -6.65
C ASN D 102 9.45 -3.71 -8.12
N PHE D 103 8.69 -4.76 -8.52
CA PHE D 103 8.15 -4.79 -9.89
C PHE D 103 7.17 -3.66 -10.05
N ARG D 104 6.47 -3.42 -8.89
CA ARG D 104 5.48 -2.31 -8.92
C ARG D 104 6.12 -0.93 -8.99
N LEU D 105 7.19 -0.89 -8.15
CA LEU D 105 7.94 0.37 -8.19
C LEU D 105 8.52 0.57 -9.65
N LEU D 106 9.11 -0.54 -10.19
CA LEU D 106 9.66 -0.27 -11.57
C LEU D 106 8.56 0.17 -12.55
N GLY D 107 7.42 -0.53 -12.46
CA GLY D 107 6.30 -0.16 -13.32
C GLY D 107 5.99 1.31 -13.35
N ASN D 108 5.92 1.95 -12.15
CA ASN D 108 5.54 3.36 -12.03
C ASN D 108 6.67 4.30 -12.52
N VAL D 109 7.90 3.79 -12.21
CA VAL D 109 9.07 4.55 -12.77
C VAL D 109 8.99 4.56 -14.35
N LEU D 110 8.70 3.38 -14.85
CA LEU D 110 8.58 3.24 -16.32
C LEU D 110 7.55 4.19 -16.81
N VAL D 111 6.38 4.28 -16.20
CA VAL D 111 5.36 5.22 -16.66
C VAL D 111 5.88 6.63 -16.60
N CYS D 112 6.66 6.98 -15.58
CA CYS D 112 7.17 8.35 -15.53
C CYS D 112 8.24 8.49 -16.71
N VAL D 113 8.98 7.38 -16.92
CA VAL D 113 9.97 7.60 -17.99
C VAL D 113 9.31 7.85 -19.34
N LEU D 114 8.30 7.11 -19.67
CA LEU D 114 7.48 7.23 -20.92
C LEU D 114 6.86 8.59 -21.00
N ALA D 115 6.22 9.09 -19.88
CA ALA D 115 5.68 10.46 -20.04
C ALA D 115 6.78 11.50 -20.43
N HIS D 116 7.95 11.37 -19.75
CA HIS D 116 9.12 12.21 -19.82
C HIS D 116 9.62 12.37 -21.27
N HIS D 117 9.67 11.20 -21.85
CA HIS D 117 10.07 10.84 -23.21
C HIS D 117 9.07 11.37 -24.22
N PHE D 118 7.80 11.02 -24.11
CA PHE D 118 6.72 11.31 -25.02
C PHE D 118 5.89 12.54 -24.75
N GLY D 119 6.12 13.15 -23.62
CA GLY D 119 5.43 14.37 -23.19
C GLY D 119 3.93 14.11 -23.50
N LYS D 120 3.60 15.10 -24.30
CA LYS D 120 2.25 15.44 -24.82
C LYS D 120 1.43 14.19 -25.15
N GLU D 121 2.08 13.41 -25.99
CA GLU D 121 1.59 12.13 -26.48
C GLU D 121 1.25 10.98 -25.51
N PHE D 122 1.85 11.19 -24.32
CA PHE D 122 1.60 10.16 -23.25
C PHE D 122 0.38 10.75 -22.48
N THR D 123 -0.75 10.70 -23.14
CA THR D 123 -2.03 11.24 -22.64
C THR D 123 -2.61 10.42 -21.44
N PRO D 124 -3.60 11.01 -20.74
CA PRO D 124 -4.21 10.34 -19.55
C PRO D 124 -4.68 8.96 -19.92
N PRO D 125 -5.38 8.91 -21.08
CA PRO D 125 -5.85 7.61 -21.55
C PRO D 125 -4.74 6.63 -21.87
N VAL D 126 -3.65 7.10 -22.58
CA VAL D 126 -2.50 6.22 -22.87
C VAL D 126 -1.80 5.80 -21.51
N GLN D 127 -1.65 6.78 -20.58
CA GLN D 127 -1.10 6.43 -19.24
C GLN D 127 -1.99 5.33 -18.58
N ALA D 128 -3.35 5.41 -18.57
CA ALA D 128 -4.33 4.47 -18.00
C ALA D 128 -4.06 3.09 -18.52
N ALA D 129 -3.83 2.96 -19.89
CA ALA D 129 -3.51 1.66 -20.53
C ALA D 129 -2.15 1.08 -20.09
N TYR D 130 -1.19 2.03 -19.99
CA TYR D 130 0.11 1.53 -19.52
C TYR D 130 0.11 1.12 -18.07
N GLN D 131 -0.75 1.89 -17.35
CA GLN D 131 -0.88 1.49 -15.89
C GLN D 131 -1.34 0.05 -15.71
N LYS D 132 -2.28 -0.21 -16.65
CA LYS D 132 -2.83 -1.59 -16.59
C LYS D 132 -1.77 -2.58 -17.03
N VAL D 133 -0.95 -2.15 -18.03
CA VAL D 133 0.12 -3.12 -18.44
C VAL D 133 1.17 -3.36 -17.35
N VAL D 134 1.65 -2.19 -16.81
CA VAL D 134 2.70 -2.42 -15.82
C VAL D 134 2.15 -3.18 -14.58
N ALA D 135 0.85 -2.93 -14.27
CA ALA D 135 0.33 -3.73 -13.16
C ALA D 135 0.24 -5.19 -13.55
N GLY D 136 -0.27 -5.51 -14.75
CA GLY D 136 -0.32 -6.90 -15.31
C GLY D 136 1.04 -7.64 -15.30
N VAL D 137 2.05 -6.80 -15.75
CA VAL D 137 3.42 -7.38 -15.77
C VAL D 137 3.83 -7.70 -14.32
N ALA D 138 3.67 -6.73 -13.40
CA ALA D 138 4.12 -6.99 -11.99
C ALA D 138 3.40 -8.22 -11.48
N ASN D 139 2.10 -8.33 -11.75
CA ASN D 139 1.35 -9.54 -11.29
C ASN D 139 1.81 -10.84 -11.93
N ALA D 140 2.18 -10.76 -13.23
CA ALA D 140 2.61 -12.02 -13.87
C ALA D 140 3.94 -12.37 -13.27
N LEU D 141 4.78 -11.32 -13.08
CA LEU D 141 6.09 -11.66 -12.47
C LEU D 141 6.06 -12.13 -11.02
N ALA D 142 5.04 -11.66 -10.27
CA ALA D 142 4.90 -12.09 -8.86
C ALA D 142 4.17 -13.41 -8.69
N HIS D 143 3.58 -13.83 -9.82
CA HIS D 143 2.67 -14.96 -9.82
C HIS D 143 3.31 -16.24 -9.32
N LYS D 144 4.58 -16.53 -9.68
CA LYS D 144 5.12 -17.81 -9.16
C LYS D 144 5.77 -17.73 -7.81
N TYR D 145 5.57 -16.65 -7.04
CA TYR D 145 6.27 -16.57 -5.72
C TYR D 145 5.65 -17.54 -4.71
N HIS D 146 6.50 -18.05 -3.85
CA HIS D 146 5.91 -19.04 -2.90
C HIS D 146 6.78 -18.91 -1.65
CHA HEM E . 16.75 -7.72 11.51
CHB HEM E . 13.41 -5.45 14.31
CHC HEM E . 10.32 -5.31 10.48
CHD HEM E . 13.56 -7.96 7.83
C1A HEM E . 16.07 -7.10 12.57
C2A HEM E . 16.51 -7.06 13.92
C3A HEM E . 15.64 -6.47 14.70
C4A HEM E . 14.56 -6.05 13.84
CMA HEM E . 15.68 -6.25 16.22
CAA HEM E . 17.88 -7.72 14.27
CBA HEM E . 19.00 -6.63 14.07
CGA HEM E . 20.17 -7.17 14.93
O1A HEM E . 20.88 -8.08 14.45
O2A HEM E . 20.23 -6.63 16.09
C1B HEM E . 12.32 -5.30 13.49
C2B HEM E . 11.06 -4.74 14.02
C3B HEM E . 10.21 -4.67 12.95
C4B HEM E . 10.89 -5.22 11.75
CMB HEM E . 10.93 -4.28 15.51
CAB HEM E . 8.74 -4.14 12.88
CBB HEM E . 8.36 -2.92 13.26
C1C HEM E . 10.89 -6.09 9.43
C2C HEM E . 10.23 -6.54 8.22
C3C HEM E . 11.08 -7.29 7.55
C4C HEM E . 12.36 -7.31 8.25
CMC HEM E . 8.77 -6.24 7.87
CAC HEM E . 10.92 -8.07 6.18
CBC HEM E . 9.68 -8.56 5.90
C1D HEM E . 14.71 -8.14 8.57
C2D HEM E . 15.83 -8.97 8.21
C3D HEM E . 16.67 -8.85 9.23
C4D HEM E . 16.14 -8.02 10.30
CMD HEM E . 15.94 -9.75 6.87
CAD HEM E . 18.05 -9.50 9.49
CBD HEM E . 17.77 -10.96 9.86
CGD HEM E . 19.12 -11.69 9.96
O1D HEM E . 19.35 -12.04 11.14
O2D HEM E . 19.87 -11.79 8.95
NA HEM E . 14.85 -6.52 12.57
NB HEM E . 12.17 -5.57 12.14
NC HEM E . 12.23 -6.57 9.40
ND HEM E . 14.92 -7.60 9.87
FE HEM E . 13.66 -6.31 10.93
O1 OXY F . 12.94 -8.09 11.47
O2 OXY F . 11.97 -8.92 11.18
CHA HEM G . -24.51 -1.96 2.45
CHB HEM G . -22.21 -6.24 2.12
CHC HEM G . -18.14 -4.05 3.22
CHD HEM G . -20.31 0.31 3.36
C1A HEM G . -24.25 -3.30 2.30
C2A HEM G . -25.27 -4.39 2.18
C3A HEM G . -24.64 -5.57 2.13
C4A HEM G . -23.17 -5.30 2.25
CMA HEM G . -25.28 -6.95 1.95
CAA HEM G . -26.74 -3.99 2.10
CBA HEM G . -27.02 -3.74 0.64
CGA HEM G . -28.30 -3.06 0.30
O1A HEM G . -28.66 -2.15 1.06
O2A HEM G . -29.00 -3.30 -0.69
C1B HEM G . -20.86 -5.98 2.32
C2B HEM G . -19.89 -7.00 2.24
C3B HEM G . -18.70 -6.43 2.60
C4B HEM G . -19.05 -5.07 2.86
CMB HEM G . -20.13 -8.49 1.84
CAB HEM G . -17.27 -7.03 2.67
CBB HEM G . -16.89 -8.18 3.11
C1C HEM G . -18.34 -2.69 3.42
C2C HEM G . -17.34 -1.71 4.00
C3C HEM G . -18.02 -0.52 4.02
C4C HEM G . -19.40 -0.69 3.48
CMC HEM G . -15.94 -2.13 4.44
CAC HEM G . -17.49 0.88 4.42
CBC HEM G . -16.60 0.90 5.44
C1D HEM G . -21.64 0.00 3.18
C2D HEM G . -22.63 1.00 3.31
C3D HEM G . -23.82 0.37 3.08
C4D HEM G . -23.53 -0.99 2.77
CMD HEM G . -22.40 2.49 3.58
CAD HEM G . -25.26 0.99 3.07
CBD HEM G . -25.76 1.10 4.55
CGD HEM G . -27.06 1.90 4.60
O1D HEM G . -27.14 3.15 4.70
O2D HEM G . -28.08 1.19 4.51
NA HEM G . -23.03 -3.93 2.31
NB HEM G . -20.37 -4.70 2.62
NC HEM G . -19.50 -1.99 3.15
ND HEM G . -22.16 -1.24 2.83
FE HEM G . -21.22 -2.92 2.44
C1 IHP H . -7.50 -11.56 -12.99
C2 IHP H . -7.49 -13.06 -13.31
C3 IHP H . -8.01 -13.95 -12.21
C4 IHP H . -7.21 -13.77 -10.95
C5 IHP H . -6.94 -12.30 -10.52
C6 IHP H . -6.61 -11.34 -11.71
O11 IHP H . -8.82 -11.06 -12.79
P1 IHP H . -9.31 -9.67 -13.45
O21 IHP H . -10.69 -9.88 -14.02
O31 IHP H . -9.28 -8.71 -12.26
O41 IHP H . -8.31 -9.28 -14.49
O12 IHP H . -8.15 -13.30 -14.52
P2 IHP H . -7.22 -13.60 -15.83
O22 IHP H . -6.24 -14.72 -15.48
O32 IHP H . -6.47 -12.32 -16.19
O42 IHP H . -8.23 -13.99 -16.85
O13 IHP H . -9.42 -13.72 -11.95
P3 IHP H . -10.50 -14.94 -11.88
O23 IHP H . -10.40 -15.71 -13.17
O33 IHP H . -11.81 -14.19 -11.76
O43 IHP H . -10.19 -15.78 -10.67
O14 IHP H . -5.87 -14.32 -11.18
P4 IHP H . -5.39 -15.72 -10.44
O24 IHP H . -6.04 -16.87 -11.16
O34 IHP H . -5.90 -15.48 -9.03
O44 IHP H . -3.87 -15.75 -10.51
O15 IHP H . -8.03 -11.75 -9.84
P5 IHP H . -8.04 -11.69 -8.21
O25 IHP H . -8.52 -13.05 -7.77
O35 IHP H . -9.03 -10.57 -8.01
O45 IHP H . -6.69 -11.42 -7.63
O16 IHP H . -5.25 -11.60 -12.07
P6 IHP H . -4.18 -10.39 -12.12
O26 IHP H . -4.31 -9.58 -10.88
O36 IHP H . -2.88 -11.17 -12.26
O46 IHP H . -4.47 -9.57 -13.39
CHA HEM I . -10.37 18.88 -1.18
CHB HEM I . -5.60 19.37 -1.50
CHC HEM I . -5.14 14.53 -1.94
CHD HEM I . -9.97 14.22 -2.17
C1A HEM I . -9.08 19.46 -1.29
C2A HEM I . -8.77 20.89 -1.38
C3A HEM I . -7.47 21.04 -1.48
C4A HEM I . -6.91 19.68 -1.41
CMA HEM I . -6.69 22.33 -1.62
CAA HEM I . -9.87 21.98 -1.40
CBA HEM I . -10.16 22.38 0.11
CGA HEM I . -11.08 23.60 0.18
O1A HEM I . -12.28 23.46 -0.17
O2A HEM I . -10.59 24.71 0.51
C1B HEM I . -5.13 18.11 -1.61
C2B HEM I . -3.72 17.81 -1.73
C3B HEM I . -3.54 16.47 -1.86
C4B HEM I . -4.88 15.89 -1.85
CMB HEM I . -2.72 19.00 -1.65
CAB HEM I . -2.27 15.60 -1.93
CBB HEM I . -1.49 15.53 -3.00
C1C HEM I . -6.42 14.05 -2.10
C2C HEM I . -6.73 12.69 -2.55
C3C HEM I . -8.08 12.64 -2.66
C4C HEM I . -8.64 13.90 -2.25
CMC HEM I . -5.67 11.64 -2.87
CAC HEM I . -8.95 11.48 -3.12
CBC HEM I . -8.77 10.67 -4.17
C1D HEM I . -10.54 15.44 -1.91
C2D HEM I . -11.96 15.76 -2.00
C3D HEM I . -12.07 17.07 -1.72
C4D HEM I . -10.75 17.62 -1.50
CMD HEM I . -13.10 14.73 -2.29
CAD HEM I . -13.37 17.89 -1.66
CBD HEM I . -13.65 18.37 -3.08
CGD HEM I . -14.99 19.12 -3.17
O1D HEM I . -14.90 20.26 -3.66
O2D HEM I . -15.93 18.38 -2.74
NA HEM I . -7.91 18.74 -1.29
NB HEM I . -5.79 16.93 -1.67
NC HEM I . -7.58 14.74 -1.90
ND HEM I . -9.84 16.60 -1.64
FE HEM I . -7.81 16.71 -1.30
O1 OXY J . -7.84 16.95 -3.34
O2 OXY J . -7.61 16.34 -4.50
CHA HEM K . 17.51 -10.37 -13.95
CHB HEM K . 13.44 -9.29 -16.36
CHC HEM K . 12.23 -6.25 -12.72
CHD HEM K . 16.13 -7.60 -10.19
C1A HEM K . 16.57 -10.24 -14.93
C2A HEM K . 16.59 -10.73 -16.27
C3A HEM K . 15.49 -10.44 -16.92
C4A HEM K . 14.69 -9.64 -15.99
CMA HEM K . 14.97 -10.63 -18.35
CAA HEM K . 17.84 -11.54 -16.72
CBA HEM K . 17.48 -12.95 -16.07
CGA HEM K . 18.68 -13.82 -16.48
O1A HEM K . 19.41 -14.21 -15.53
O2A HEM K . 18.75 -13.89 -17.75
C1B HEM K . 12.82 -8.49 -15.46
C2B HEM K . 11.58 -7.86 -15.88
C3B HEM K . 11.20 -6.98 -14.90
C4B HEM K . 12.21 -7.07 -13.85
CMB HEM K . 10.83 -8.12 -17.23
CAB HEM K . 9.95 -6.07 -14.93
CBB HEM K . 9.73 -5.17 -13.96
C1C HEM K . 13.21 -6.26 -11.78
C2C HEM K . 13.33 -5.35 -10.66
C3C HEM K . 14.43 -5.75 -9.91
C4C HEM K . 15.01 -6.90 -10.57
CMC HEM K . 12.41 -4.17 -10.41
CAC HEM K . 15.05 -5.13 -8.62
CBC HEM K . 14.99 -3.80 -8.32
C1D HEM K . 16.90 -8.44 -11.00
C2D HEM K . 18.21 -8.99 -10.66
C3D HEM K . 18.55 -9.76 -11.70
C4D HEM K . 17.55 -9.74 -12.72
CMD HEM K . 18.91 -8.58 -9.36
CAD HEM K . 19.91 -10.52 -11.86
CBD HEM K . 20.90 -9.47 -12.52
CGD HEM K . 22.20 -10.30 -12.71
O1D HEM K . 23.17 -9.62 -12.25
O2D HEM K . 22.06 -11.46 -13.23
NA HEM K . 15.38 -9.54 -14.83
NB HEM K . 13.20 -7.99 -14.22
NC HEM K . 14.25 -7.19 -11.70
ND HEM K . 16.50 -8.92 -12.24
FE HEM K . 14.75 -8.64 -13.09
#